data_9C3Y
#
_entry.id   9C3Y
#
_cell.length_a   55.310
_cell.length_b   112.920
_cell.length_c   62.660
_cell.angle_alpha   90.000
_cell.angle_beta   93.190
_cell.angle_gamma   90.000
#
_symmetry.space_group_name_H-M   'P 1 21 1'
#
loop_
_entity.id
_entity.type
_entity.pdbx_description
1 polymer 'BIS3 biphenyl synthase'
2 non-polymer (3R)-butane-1,3-diol
3 non-polymer '[(2R,3S,4R,5R)-5-(6-amino-9H-purin-9-yl)-4-hydroxy-3-(phosphonooxy)oxolan-2-yl]methyl (14R)-14-hydroxy-15,15-dimethyl-4,9,13-trioxo-1-(5-phenyl-1,2-oxazol-3-yl)-2-thia-5,8,12-triazahexadecan-16-yl dihydrogen diphosphate'
4 water water
#
_entity_poly.entity_id   1
_entity_poly.type   'polypeptide(L)'
_entity_poly.pdbx_seq_one_letter_code
;GSMAPLVKNEPQHAKILAIGTANPPNVYHQKDYPDFLFRVTKNEHRTDLREKFDRICEKSRTKKRYLHLTEEMLKANPNI
YTYGAPSLDVRQDICNIEVPKLGQEAALKAIKEWGQPISRITHLIFCTASCVDMPGCDFQLIKLLGLDPSVTRTMIYEAG
(CSD)YAGATVLRMAKDFAENNKGARVLVVCAEITTVFFHGLTDTHLDILVGQALFADGASAVIVGANPEPEIERPLFEI
VACRQTILPNSEHGVVANIREMGFNYYLSGDVPKFVGGNVVDFMTKTFEKVDGKKKDWNSLFFSVHPGGPAIVDQVEEKL
GLKEGKLRATRHVLSEYGNMGAPTVHFILDEMRNKSIEEGKTTTGEGLEWGVVIGIGPGLTVETAVLRSESIRC
;
_entity_poly.pdbx_strand_id   A,B
#
# COMPACT_ATOMS: atom_id res chain seq x y z
N GLN A 12 1.53 -16.18 22.44
CA GLN A 12 0.48 -15.17 22.63
C GLN A 12 0.15 -14.47 21.32
N HIS A 13 -0.82 -15.03 20.62
CA HIS A 13 -1.14 -14.58 19.28
C HIS A 13 -1.97 -13.31 19.33
N ALA A 14 -1.87 -12.57 18.25
CA ALA A 14 -2.74 -11.43 18.03
C ALA A 14 -4.20 -11.85 18.03
N LYS A 15 -5.02 -11.02 18.64
CA LYS A 15 -6.45 -11.22 18.72
C LYS A 15 -7.19 -10.06 18.08
N ILE A 16 -8.32 -10.36 17.44
CA ILE A 16 -9.31 -9.35 17.08
C ILE A 16 -10.07 -9.01 18.36
N LEU A 17 -10.04 -7.74 18.77
CA LEU A 17 -10.63 -7.26 20.01
C LEU A 17 -11.93 -6.50 19.78
N ALA A 18 -12.27 -6.17 18.54
CA ALA A 18 -13.47 -5.41 18.23
C ALA A 18 -13.63 -5.39 16.72
N ILE A 19 -14.87 -5.32 16.27
CA ILE A 19 -15.21 -5.10 14.87
C ILE A 19 -16.35 -4.09 14.80
N GLY A 20 -16.20 -3.05 13.98
CA GLY A 20 -17.29 -2.15 13.66
C GLY A 20 -17.45 -2.03 12.16
N THR A 21 -18.65 -1.67 11.71
CA THR A 21 -18.90 -1.52 10.29
C THR A 21 -19.77 -0.30 10.02
N ALA A 22 -19.77 0.14 8.78
CA ALA A 22 -20.55 1.29 8.34
C ALA A 22 -20.83 1.19 6.86
N ASN A 23 -21.90 1.87 6.41
CA ASN A 23 -22.21 1.92 4.99
C ASN A 23 -22.81 3.28 4.67
N PRO A 24 -22.76 3.70 3.42
CA PRO A 24 -23.46 4.93 3.04
C PRO A 24 -24.96 4.80 3.31
N PRO A 25 -25.66 5.92 3.44
CA PRO A 25 -27.07 5.85 3.87
C PRO A 25 -28.05 5.38 2.80
N ASN A 26 -27.72 5.47 1.52
CA ASN A 26 -28.70 5.25 0.47
CA ASN A 26 -28.68 5.25 0.44
C ASN A 26 -28.74 3.77 0.11
N VAL A 27 -29.92 3.18 0.25
CA VAL A 27 -30.11 1.75 0.02
CA VAL A 27 -30.11 1.75 0.01
C VAL A 27 -30.68 1.57 -1.38
N TYR A 28 -30.12 0.61 -2.11
CA TYR A 28 -30.54 0.28 -3.46
C TYR A 28 -30.97 -1.18 -3.44
N HIS A 29 -32.28 -1.42 -3.46
CA HIS A 29 -32.77 -2.79 -3.51
C HIS A 29 -32.55 -3.36 -4.90
N GLN A 30 -32.06 -4.60 -4.96
CA GLN A 30 -31.71 -5.19 -6.25
C GLN A 30 -32.91 -5.27 -7.19
N LYS A 31 -34.12 -5.49 -6.66
CA LYS A 31 -35.30 -5.56 -7.51
C LYS A 31 -35.48 -4.28 -8.30
N ASP A 32 -35.01 -3.15 -7.78
CA ASP A 32 -35.17 -1.84 -8.40
C ASP A 32 -33.95 -1.38 -9.18
N TYR A 33 -32.82 -2.07 -9.06
CA TYR A 33 -31.57 -1.51 -9.55
C TYR A 33 -31.49 -1.53 -11.08
N PRO A 34 -31.96 -2.59 -11.77
CA PRO A 34 -31.95 -2.50 -13.25
C PRO A 34 -32.69 -1.28 -13.77
N ASP A 35 -33.89 -1.03 -13.25
CA ASP A 35 -34.65 0.15 -13.68
C ASP A 35 -33.85 1.43 -13.41
N PHE A 36 -33.27 1.55 -12.22
CA PHE A 36 -32.50 2.74 -11.87
C PHE A 36 -31.31 2.91 -12.81
N LEU A 37 -30.51 1.85 -12.96
CA LEU A 37 -29.27 1.95 -13.72
C LEU A 37 -29.57 2.36 -15.16
N PHE A 38 -30.49 1.66 -15.81
CA PHE A 38 -30.77 1.94 -17.21
C PHE A 38 -31.41 3.30 -17.41
N ARG A 39 -32.22 3.76 -16.44
CA ARG A 39 -32.82 5.09 -16.56
C ARG A 39 -31.78 6.20 -16.39
N VAL A 40 -31.00 6.14 -15.30
CA VAL A 40 -30.10 7.25 -14.99
C VAL A 40 -28.93 7.33 -15.95
N THR A 41 -28.58 6.24 -16.62
CA THR A 41 -27.50 6.26 -17.61
C THR A 41 -28.01 6.42 -19.03
N LYS A 42 -29.32 6.67 -19.21
CA LYS A 42 -29.89 6.94 -20.55
C LYS A 42 -29.69 5.76 -21.49
N ASN A 43 -29.92 4.55 -20.99
CA ASN A 43 -29.69 3.33 -21.76
C ASN A 43 -30.94 2.49 -21.90
N GLU A 44 -32.12 3.07 -21.75
CA GLU A 44 -33.35 2.30 -21.83
C GLU A 44 -33.53 1.65 -23.20
N HIS A 45 -32.91 2.20 -24.25
CA HIS A 45 -33.00 1.57 -25.55
C HIS A 45 -32.21 0.27 -25.64
N ARG A 46 -31.28 0.04 -24.72
CA ARG A 46 -30.44 -1.16 -24.76
C ARG A 46 -31.15 -2.34 -24.10
N THR A 47 -32.27 -2.74 -24.71
CA THR A 47 -33.05 -3.85 -24.19
C THR A 47 -32.24 -5.13 -24.22
N ASP A 48 -31.26 -5.23 -25.11
CA ASP A 48 -30.38 -6.38 -25.14
C ASP A 48 -29.56 -6.46 -23.85
N LEU A 49 -28.98 -5.34 -23.45
CA LEU A 49 -28.19 -5.31 -22.22
C LEU A 49 -29.06 -5.42 -20.99
N ARG A 50 -30.30 -4.91 -21.05
CA ARG A 50 -31.20 -5.01 -19.91
C ARG A 50 -31.57 -6.46 -19.65
N GLU A 51 -31.78 -7.25 -20.72
CA GLU A 51 -32.05 -8.67 -20.53
C GLU A 51 -30.89 -9.33 -19.80
N LYS A 52 -29.67 -9.07 -20.26
CA LYS A 52 -28.50 -9.69 -19.65
C LYS A 52 -28.38 -9.25 -18.20
N PHE A 53 -28.61 -7.97 -17.94
CA PHE A 53 -28.46 -7.46 -16.59
C PHE A 53 -29.51 -8.05 -15.67
N ASP A 54 -30.75 -8.19 -16.16
CA ASP A 54 -31.79 -8.81 -15.34
C ASP A 54 -31.38 -10.21 -14.93
N ARG A 55 -30.84 -10.99 -15.87
CA ARG A 55 -30.43 -12.36 -15.55
CA ARG A 55 -30.43 -12.36 -15.55
C ARG A 55 -29.32 -12.37 -14.50
N ILE A 56 -28.36 -11.46 -14.65
CA ILE A 56 -27.24 -11.39 -13.69
C ILE A 56 -27.76 -11.04 -12.30
N CYS A 57 -28.64 -10.03 -12.24
CA CYS A 57 -29.20 -9.62 -10.95
C CYS A 57 -30.02 -10.76 -10.33
N GLU A 58 -30.76 -11.51 -11.14
CA GLU A 58 -31.54 -12.62 -10.61
CA GLU A 58 -31.54 -12.62 -10.61
C GLU A 58 -30.66 -13.68 -9.97
N LYS A 59 -29.47 -13.90 -10.52
CA LYS A 59 -28.53 -14.90 -10.03
C LYS A 59 -27.61 -14.35 -8.96
N SER A 60 -27.67 -13.04 -8.70
CA SER A 60 -26.64 -12.39 -7.87
C SER A 60 -26.68 -12.79 -6.41
N ARG A 61 -27.81 -13.25 -5.90
CA ARG A 61 -27.99 -13.54 -4.48
C ARG A 61 -27.69 -12.32 -3.62
N THR A 62 -27.88 -11.14 -4.18
CA THR A 62 -27.72 -9.85 -3.51
C THR A 62 -29.09 -9.20 -3.52
N LYS A 63 -29.65 -8.95 -2.33
CA LYS A 63 -30.97 -8.33 -2.20
C LYS A 63 -30.91 -6.81 -2.14
N LYS A 64 -29.86 -6.26 -1.53
CA LYS A 64 -29.73 -4.82 -1.45
C LYS A 64 -28.27 -4.46 -1.26
N ARG A 65 -27.96 -3.21 -1.56
CA ARG A 65 -26.63 -2.66 -1.41
C ARG A 65 -26.74 -1.20 -0.99
N TYR A 66 -25.73 -0.72 -0.27
CA TYR A 66 -25.64 0.68 0.10
C TYR A 66 -24.60 1.34 -0.80
N LEU A 67 -24.95 2.48 -1.37
CA LEU A 67 -24.08 3.17 -2.29
C LEU A 67 -24.03 4.66 -1.99
N HIS A 68 -22.82 5.21 -2.02
CA HIS A 68 -22.67 6.66 -1.90
C HIS A 68 -23.22 7.38 -3.11
N LEU A 69 -22.95 6.85 -4.30
CA LEU A 69 -23.34 7.50 -5.54
C LEU A 69 -24.85 7.69 -5.62
N THR A 70 -25.26 8.89 -6.07
CA THR A 70 -26.65 9.24 -6.25
C THR A 70 -26.93 9.65 -7.70
N GLU A 71 -28.21 9.67 -8.04
CA GLU A 71 -28.61 10.14 -9.36
C GLU A 71 -28.18 11.59 -9.59
N GLU A 72 -28.24 12.44 -8.56
CA GLU A 72 -27.84 13.82 -8.74
C GLU A 72 -26.37 13.95 -9.08
N MET A 73 -25.52 13.07 -8.50
CA MET A 73 -24.10 13.11 -8.84
CA MET A 73 -24.10 13.11 -8.84
C MET A 73 -23.88 12.75 -10.30
N LEU A 74 -24.65 11.79 -10.81
CA LEU A 74 -24.55 11.40 -12.21
C LEU A 74 -25.04 12.52 -13.11
N LYS A 75 -26.14 13.19 -12.74
CA LYS A 75 -26.63 14.29 -13.57
C LYS A 75 -25.62 15.41 -13.63
N ALA A 76 -24.92 15.66 -12.52
CA ALA A 76 -23.93 16.72 -12.51
C ALA A 76 -22.64 16.34 -13.22
N ASN A 77 -22.37 15.04 -13.37
CA ASN A 77 -21.11 14.55 -13.92
C ASN A 77 -21.42 13.40 -14.88
N PRO A 78 -22.11 13.69 -15.99
CA PRO A 78 -22.50 12.60 -16.90
C PRO A 78 -21.34 11.84 -17.52
N ASN A 79 -20.13 12.40 -17.52
CA ASN A 79 -18.98 11.62 -17.98
C ASN A 79 -18.83 10.34 -17.17
N ILE A 80 -19.32 10.31 -15.92
CA ILE A 80 -19.18 9.10 -15.10
C ILE A 80 -19.89 7.91 -15.75
N TYR A 81 -21.02 8.14 -16.44
CA TYR A 81 -21.73 7.05 -17.11
C TYR A 81 -21.49 7.01 -18.62
N THR A 82 -20.61 7.86 -19.15
CA THR A 82 -20.27 7.87 -20.57
C THR A 82 -19.01 7.04 -20.71
N TYR A 83 -19.16 5.81 -21.21
CA TYR A 83 -18.08 4.84 -21.18
C TYR A 83 -16.82 5.39 -21.83
N GLY A 84 -15.72 5.39 -21.09
CA GLY A 84 -14.44 5.81 -21.59
C GLY A 84 -14.16 7.29 -21.54
N ALA A 85 -15.12 8.11 -21.16
CA ALA A 85 -14.91 9.55 -21.12
C ALA A 85 -14.04 9.89 -19.90
N PRO A 86 -13.29 10.99 -19.96
CA PRO A 86 -12.48 11.38 -18.80
C PRO A 86 -13.35 11.73 -17.60
N SER A 87 -13.02 11.11 -16.46
CA SER A 87 -13.82 11.32 -15.26
C SER A 87 -13.07 10.97 -13.98
N LEU A 88 -11.79 10.62 -14.05
CA LEU A 88 -11.06 10.25 -12.84
C LEU A 88 -11.06 11.38 -11.83
N ASP A 89 -10.89 12.63 -12.30
CA ASP A 89 -10.72 13.73 -11.37
C ASP A 89 -11.98 13.94 -10.52
N VAL A 90 -13.17 13.90 -11.14
CA VAL A 90 -14.37 14.07 -10.34
C VAL A 90 -14.59 12.88 -9.41
N ARG A 91 -14.25 11.66 -9.86
CA ARG A 91 -14.38 10.50 -8.98
C ARG A 91 -13.47 10.63 -7.76
N GLN A 92 -12.22 11.02 -7.98
CA GLN A 92 -11.25 11.16 -6.90
C GLN A 92 -11.65 12.27 -5.94
N ASP A 93 -12.19 13.36 -6.47
CA ASP A 93 -12.63 14.46 -5.63
C ASP A 93 -13.67 13.97 -4.63
N ILE A 94 -14.52 13.04 -5.06
CA ILE A 94 -15.51 12.44 -4.17
C ILE A 94 -14.85 11.42 -3.23
N CYS A 95 -14.14 10.44 -3.81
CA CYS A 95 -13.74 9.28 -3.02
C CYS A 95 -12.64 9.63 -2.02
N ASN A 96 -11.72 10.53 -2.38
CA ASN A 96 -10.68 10.90 -1.44
C ASN A 96 -11.23 11.53 -0.17
N ILE A 97 -12.44 12.10 -0.21
CA ILE A 97 -13.14 12.60 0.97
C ILE A 97 -14.00 11.52 1.62
N GLU A 98 -14.78 10.81 0.81
CA GLU A 98 -15.79 9.93 1.36
C GLU A 98 -15.21 8.65 1.95
N VAL A 99 -14.11 8.13 1.39
CA VAL A 99 -13.51 6.91 1.92
C VAL A 99 -13.03 7.11 3.37
N PRO A 100 -12.24 8.13 3.70
CA PRO A 100 -11.87 8.32 5.12
C PRO A 100 -13.07 8.56 6.01
N LYS A 101 -14.07 9.30 5.53
CA LYS A 101 -15.25 9.59 6.34
CA LYS A 101 -15.25 9.59 6.34
C LYS A 101 -16.00 8.30 6.70
N LEU A 102 -16.20 7.43 5.73
CA LEU A 102 -16.88 6.19 6.01
C LEU A 102 -16.03 5.32 6.93
N GLY A 103 -14.72 5.30 6.70
CA GLY A 103 -13.84 4.59 7.62
C GLY A 103 -13.90 5.09 9.04
N GLN A 104 -14.02 6.41 9.21
CA GLN A 104 -14.16 7.02 10.52
C GLN A 104 -15.37 6.47 11.25
N GLU A 105 -16.49 6.33 10.54
CA GLU A 105 -17.71 5.87 11.20
C GLU A 105 -17.50 4.44 11.71
N ALA A 106 -16.92 3.58 10.87
CA ALA A 106 -16.67 2.21 11.31
C ALA A 106 -15.67 2.18 12.46
N ALA A 107 -14.63 3.00 12.36
CA ALA A 107 -13.60 3.02 13.39
C ALA A 107 -14.18 3.43 14.74
N LEU A 108 -15.03 4.44 14.77
CA LEU A 108 -15.62 4.86 16.05
C LEU A 108 -16.42 3.73 16.68
N LYS A 109 -17.10 2.94 15.86
CA LYS A 109 -17.84 1.79 16.39
C LYS A 109 -16.89 0.74 16.95
N ALA A 110 -15.81 0.43 16.22
CA ALA A 110 -14.85 -0.54 16.75
C ALA A 110 -14.22 -0.03 18.03
N ILE A 111 -13.88 1.24 18.08
CA ILE A 111 -13.25 1.80 19.26
C ILE A 111 -14.19 1.75 20.45
N LYS A 112 -15.47 2.01 20.22
CA LYS A 112 -16.42 1.91 21.33
C LYS A 112 -16.45 0.48 21.88
N GLU A 113 -16.56 -0.52 21.01
CA GLU A 113 -16.58 -1.91 21.48
C GLU A 113 -15.32 -2.24 22.24
N TRP A 114 -14.18 -1.81 21.72
CA TRP A 114 -12.89 -2.11 22.33
C TRP A 114 -12.81 -1.56 23.74
N GLY A 115 -13.26 -0.34 23.94
CA GLY A 115 -13.41 0.19 25.28
C GLY A 115 -12.20 0.89 25.85
N GLN A 116 -11.15 1.09 25.07
CA GLN A 116 -9.93 1.78 25.49
C GLN A 116 -9.89 3.17 24.92
N PRO A 117 -9.09 4.04 25.50
CA PRO A 117 -8.90 5.36 24.90
C PRO A 117 -8.19 5.27 23.55
N ILE A 118 -8.54 6.20 22.67
CA ILE A 118 -7.90 6.26 21.35
C ILE A 118 -6.40 6.42 21.47
N SER A 119 -5.91 7.05 22.54
CA SER A 119 -4.48 7.20 22.74
C SER A 119 -3.74 5.87 22.86
N ARG A 120 -4.44 4.76 23.12
CA ARG A 120 -3.78 3.47 23.17
C ARG A 120 -3.54 2.88 21.79
N ILE A 121 -4.09 3.46 20.74
CA ILE A 121 -3.84 2.96 19.39
C ILE A 121 -2.42 3.34 19.00
N THR A 122 -1.60 2.36 18.64
CA THR A 122 -0.22 2.59 18.26
C THR A 122 0.05 2.43 16.78
N HIS A 123 -0.82 1.73 16.07
CA HIS A 123 -0.63 1.40 14.67
C HIS A 123 -1.96 1.57 13.95
N LEU A 124 -1.88 1.99 12.68
CA LEU A 124 -3.04 2.14 11.81
C LEU A 124 -2.73 1.49 10.48
N ILE A 125 -3.58 0.55 10.08
CA ILE A 125 -3.58 0.03 8.72
C ILE A 125 -4.85 0.56 8.05
N PHE A 126 -4.73 1.30 6.96
CA PHE A 126 -5.88 1.74 6.18
C PHE A 126 -5.77 1.04 4.83
N CYS A 127 -6.87 0.47 4.34
CA CYS A 127 -6.91 -0.23 3.06
C CYS A 127 -8.09 0.27 2.24
N THR A 128 -7.82 0.63 1.00
CA THR A 128 -8.88 0.98 0.07
C THR A 128 -8.40 0.74 -1.35
N ALA A 129 -9.30 0.29 -2.21
CA ALA A 129 -9.08 0.21 -3.64
C ALA A 129 -9.88 1.24 -4.40
N SER A 130 -10.45 2.23 -3.71
CA SER A 130 -11.40 3.17 -4.29
C SER A 130 -10.84 4.54 -4.57
N CYS A 131 -9.62 4.84 -4.16
CA CYS A 131 -9.03 6.15 -4.33
C CYS A 131 -7.54 6.04 -4.05
N VAL A 132 -6.81 7.13 -4.30
CA VAL A 132 -5.40 7.20 -3.99
C VAL A 132 -5.01 8.68 -3.96
N ASP A 133 -4.19 9.06 -2.99
CA ASP A 133 -3.82 10.46 -2.77
C ASP A 133 -2.59 10.50 -1.87
N MET A 134 -1.87 11.62 -1.92
CA MET A 134 -0.72 11.84 -1.05
C MET A 134 -0.85 13.21 -0.40
N PRO A 135 -0.89 13.33 0.93
CA PRO A 135 -0.98 12.25 1.93
C PRO A 135 -2.23 11.41 1.72
N GLY A 136 -2.26 10.23 2.33
CA GLY A 136 -3.28 9.23 2.04
C GLY A 136 -4.44 9.25 3.01
N CYS A 137 -5.29 8.24 2.83
CA CYS A 137 -6.47 8.05 3.67
C CYS A 137 -6.07 7.86 5.11
N ASP A 138 -4.94 7.20 5.36
CA ASP A 138 -4.47 6.99 6.73
C ASP A 138 -4.25 8.32 7.42
N PHE A 139 -3.56 9.25 6.75
CA PHE A 139 -3.35 10.58 7.28
C PHE A 139 -4.68 11.27 7.54
N GLN A 140 -5.62 11.16 6.60
CA GLN A 140 -6.89 11.84 6.80
C GLN A 140 -7.65 11.25 7.99
N LEU A 141 -7.56 9.95 8.18
CA LEU A 141 -8.26 9.32 9.30
C LEU A 141 -7.62 9.71 10.63
N ILE A 142 -6.29 9.88 10.65
CA ILE A 142 -5.64 10.33 11.87
C ILE A 142 -6.20 11.68 12.28
N LYS A 143 -6.39 12.57 11.32
CA LYS A 143 -6.98 13.88 11.60
C LYS A 143 -8.40 13.75 12.11
N LEU A 144 -9.23 12.94 11.44
CA LEU A 144 -10.63 12.83 11.81
C LEU A 144 -10.81 12.26 13.21
N LEU A 145 -10.02 11.26 13.57
CA LEU A 145 -10.17 10.57 14.84
C LEU A 145 -9.37 11.19 15.97
N GLY A 146 -8.39 12.02 15.65
CA GLY A 146 -7.46 12.47 16.68
C GLY A 146 -6.52 11.39 17.16
N LEU A 147 -6.09 10.49 16.28
CA LEU A 147 -5.07 9.51 16.65
C LEU A 147 -3.77 10.24 16.98
N ASP A 148 -2.95 9.59 17.77
CA ASP A 148 -1.62 10.12 18.08
C ASP A 148 -0.88 10.41 16.78
N PRO A 149 -0.23 11.57 16.65
CA PRO A 149 0.50 11.85 15.41
C PRO A 149 1.64 10.90 15.13
N SER A 150 2.09 10.14 16.12
CA SER A 150 3.15 9.15 15.94
C SER A 150 2.63 7.74 15.81
N VAL A 151 1.36 7.57 15.43
CA VAL A 151 0.91 6.22 15.08
CA VAL A 151 0.91 6.23 15.08
C VAL A 151 1.73 5.69 13.91
N THR A 152 2.03 4.41 13.95
CA THR A 152 2.79 3.74 12.90
C THR A 152 1.83 3.21 11.84
N ARG A 153 1.95 3.71 10.62
CA ARG A 153 0.95 3.55 9.59
C ARG A 153 1.38 2.63 8.46
N THR A 154 0.39 1.88 7.94
CA THR A 154 0.51 1.10 6.71
C THR A 154 -0.70 1.48 5.88
N MET A 155 -0.49 2.01 4.69
CA MET A 155 -1.55 2.47 3.81
C MET A 155 -1.54 1.56 2.58
N ILE A 156 -2.55 0.69 2.47
CA ILE A 156 -2.67 -0.34 1.44
C ILE A 156 -3.67 0.18 0.40
N TYR A 157 -3.15 0.64 -0.72
CA TYR A 157 -3.92 1.17 -1.82
C TYR A 157 -4.01 0.14 -2.95
N GLU A 158 -5.21 -0.05 -3.47
CA GLU A 158 -5.46 -0.80 -4.70
C GLU A 158 -4.90 -2.23 -4.65
N ALA A 159 -5.09 -2.91 -3.52
CA ALA A 159 -4.81 -4.34 -3.47
C ALA A 159 -5.95 -5.16 -4.05
N GLY A 160 -7.18 -4.83 -3.69
CA GLY A 160 -8.31 -5.62 -4.16
C GLY A 160 -8.81 -6.63 -3.15
N TYR A 162 -8.60 -9.68 -2.01
CA TYR A 162 -7.98 -10.53 -1.02
C TYR A 162 -7.58 -9.76 0.26
N ALA A 163 -7.66 -8.45 0.22
CA ALA A 163 -6.99 -7.67 1.25
C ALA A 163 -7.68 -7.73 2.62
N GLY A 164 -8.94 -8.15 2.71
CA GLY A 164 -9.55 -8.31 4.03
C GLY A 164 -8.84 -9.34 4.88
N ALA A 165 -8.26 -10.35 4.22
CA ALA A 165 -7.42 -11.31 4.92
C ALA A 165 -6.00 -10.76 5.09
N THR A 166 -5.47 -10.10 4.06
CA THR A 166 -4.12 -9.56 4.12
C THR A 166 -3.94 -8.59 5.28
N VAL A 167 -4.92 -7.73 5.53
CA VAL A 167 -4.73 -6.74 6.58
C VAL A 167 -4.70 -7.41 7.94
N LEU A 168 -5.38 -8.55 8.12
CA LEU A 168 -5.29 -9.29 9.37
C LEU A 168 -3.91 -9.91 9.54
N ARG A 169 -3.34 -10.44 8.46
CA ARG A 169 -1.97 -10.94 8.48
C ARG A 169 -0.97 -9.85 8.85
N MET A 170 -1.11 -8.67 8.25
CA MET A 170 -0.20 -7.60 8.57
C MET A 170 -0.38 -7.16 10.02
N ALA A 171 -1.64 -7.01 10.45
CA ALA A 171 -1.91 -6.62 11.82
C ALA A 171 -1.34 -7.63 12.81
N LYS A 172 -1.42 -8.91 12.48
CA LYS A 172 -0.88 -9.93 13.37
C LYS A 172 0.61 -9.72 13.60
N ASP A 173 1.37 -9.52 12.52
CA ASP A 173 2.80 -9.33 12.67
C ASP A 173 3.12 -8.05 13.44
N PHE A 174 2.41 -6.96 13.15
CA PHE A 174 2.67 -5.71 13.87
C PHE A 174 2.33 -5.86 15.34
N ALA A 175 1.21 -6.49 15.65
CA ALA A 175 0.76 -6.61 17.03
C ALA A 175 1.65 -7.57 17.82
N GLU A 176 2.14 -8.65 17.19
CA GLU A 176 2.93 -9.65 17.90
C GLU A 176 4.38 -9.20 18.04
N ASN A 177 4.91 -8.42 17.10
CA ASN A 177 6.30 -8.02 17.20
C ASN A 177 6.52 -6.75 17.99
N ASN A 178 5.47 -5.99 18.29
CA ASN A 178 5.56 -4.72 19.01
C ASN A 178 4.76 -4.88 20.29
N LYS A 179 5.45 -5.12 21.40
CA LYS A 179 4.77 -5.42 22.65
C LYS A 179 3.85 -4.27 23.07
N GLY A 180 2.62 -4.62 23.40
CA GLY A 180 1.62 -3.66 23.77
C GLY A 180 0.94 -2.95 22.62
N ALA A 181 1.36 -3.21 21.38
CA ALA A 181 0.74 -2.51 20.27
C ALA A 181 -0.74 -2.83 20.17
N ARG A 182 -1.47 -1.82 19.71
CA ARG A 182 -2.90 -1.97 19.40
C ARG A 182 -3.09 -1.37 18.02
N VAL A 183 -3.52 -2.21 17.09
CA VAL A 183 -3.60 -1.88 15.68
C VAL A 183 -5.05 -1.61 15.31
N LEU A 184 -5.33 -0.42 14.82
CA LEU A 184 -6.61 -0.11 14.21
C LEU A 184 -6.47 -0.42 12.72
N VAL A 185 -7.33 -1.31 12.22
CA VAL A 185 -7.37 -1.69 10.82
C VAL A 185 -8.67 -1.17 10.26
N VAL A 186 -8.60 -0.38 9.20
CA VAL A 186 -9.79 0.18 8.56
C VAL A 186 -9.74 -0.14 7.08
N CYS A 187 -10.78 -0.79 6.58
CA CYS A 187 -10.95 -1.06 5.15
C CYS A 187 -12.20 -0.34 4.71
N ALA A 188 -12.13 0.51 3.70
CA ALA A 188 -13.26 1.34 3.32
C ALA A 188 -13.32 1.40 1.80
N GLU A 189 -14.51 1.21 1.25
CA GLU A 189 -14.72 1.23 -0.19
C GLU A 189 -15.92 2.09 -0.57
N ILE A 190 -15.72 2.95 -1.55
CA ILE A 190 -16.76 3.75 -2.20
C ILE A 190 -16.63 3.53 -3.70
N THR A 191 -17.58 2.79 -4.28
CA THR A 191 -17.42 2.26 -5.64
C THR A 191 -17.76 3.26 -6.73
N THR A 192 -18.00 4.52 -6.37
CA THR A 192 -18.15 5.60 -7.33
C THR A 192 -17.02 5.57 -8.36
N VAL A 193 -15.80 5.23 -7.94
CA VAL A 193 -14.67 5.23 -8.87
C VAL A 193 -14.74 4.12 -9.90
N PHE A 194 -15.49 3.05 -9.61
CA PHE A 194 -15.62 1.89 -10.48
C PHE A 194 -16.90 1.91 -11.32
N PHE A 195 -17.77 2.91 -11.16
CA PHE A 195 -19.03 2.94 -11.88
C PHE A 195 -18.77 3.26 -13.35
N HIS A 196 -19.23 2.41 -14.25
CA HIS A 196 -19.10 2.69 -15.68
C HIS A 196 -20.40 2.43 -16.43
N GLY A 197 -20.54 3.12 -17.55
CA GLY A 197 -21.65 2.90 -18.45
C GLY A 197 -21.54 1.60 -19.22
N LEU A 198 -22.54 1.40 -20.09
CA LEU A 198 -22.88 0.09 -20.60
C LEU A 198 -22.57 -0.01 -22.08
N THR A 199 -21.84 -1.06 -22.44
CA THR A 199 -21.46 -1.32 -23.82
C THR A 199 -21.30 -2.82 -23.97
N ASP A 200 -21.76 -3.35 -25.11
CA ASP A 200 -21.57 -4.77 -25.40
C ASP A 200 -20.12 -5.14 -25.65
N THR A 201 -19.23 -4.17 -25.77
CA THR A 201 -17.80 -4.46 -25.91
C THR A 201 -17.12 -4.68 -24.56
N HIS A 202 -17.81 -4.45 -23.43
CA HIS A 202 -17.22 -4.59 -22.10
C HIS A 202 -18.34 -5.06 -21.16
N LEU A 203 -18.75 -6.31 -21.34
CA LEU A 203 -19.88 -6.84 -20.60
C LEU A 203 -19.54 -7.09 -19.14
N ASP A 204 -18.25 -7.11 -18.80
CA ASP A 204 -17.85 -7.30 -17.40
C ASP A 204 -18.49 -6.26 -16.49
N ILE A 205 -18.75 -5.06 -17.02
CA ILE A 205 -19.35 -3.99 -16.26
C ILE A 205 -20.72 -4.41 -15.75
N LEU A 206 -21.44 -5.26 -16.47
CA LEU A 206 -22.75 -5.70 -15.99
C LEU A 206 -22.61 -6.49 -14.70
N VAL A 207 -21.53 -7.26 -14.55
CA VAL A 207 -21.32 -8.03 -13.33
C VAL A 207 -21.00 -7.10 -12.17
N GLY A 208 -20.08 -6.16 -12.35
CA GLY A 208 -19.77 -5.23 -11.27
C GLY A 208 -20.95 -4.33 -10.91
N GLN A 209 -21.73 -3.94 -11.92
CA GLN A 209 -22.93 -3.14 -11.64
C GLN A 209 -23.94 -3.91 -10.82
N ALA A 210 -23.97 -5.24 -10.90
CA ALA A 210 -24.90 -6.02 -10.11
C ALA A 210 -24.39 -6.32 -8.71
N LEU A 211 -23.07 -6.40 -8.51
CA LEU A 211 -22.53 -6.96 -7.28
C LEU A 211 -21.78 -5.99 -6.40
N PHE A 212 -21.10 -5.01 -6.96
CA PHE A 212 -20.19 -4.18 -6.17
C PHE A 212 -20.99 -3.20 -5.31
N ALA A 213 -20.47 -2.91 -4.12
CA ALA A 213 -21.19 -2.13 -3.14
C ALA A 213 -20.23 -1.42 -2.21
N ASP A 214 -20.78 -0.52 -1.39
CA ASP A 214 -19.97 0.33 -0.54
C ASP A 214 -20.08 -0.08 0.93
N GLY A 215 -18.98 0.12 1.64
CA GLY A 215 -18.94 -0.24 3.04
C GLY A 215 -17.57 -0.02 3.62
N ALA A 216 -17.53 0.01 4.94
CA ALA A 216 -16.26 0.06 5.65
C ALA A 216 -16.31 -0.82 6.88
N SER A 217 -15.17 -1.43 7.19
CA SER A 217 -14.98 -2.17 8.40
C SER A 217 -13.83 -1.55 9.19
N ALA A 218 -13.85 -1.79 10.49
CA ALA A 218 -12.75 -1.45 11.37
C ALA A 218 -12.58 -2.56 12.38
N VAL A 219 -11.34 -2.98 12.56
CA VAL A 219 -10.99 -4.07 13.45
CA VAL A 219 -11.00 -4.06 13.47
C VAL A 219 -9.87 -3.56 14.36
N ILE A 220 -9.93 -3.87 15.64
CA ILE A 220 -8.82 -3.62 16.54
CA ILE A 220 -8.82 -3.62 16.54
C ILE A 220 -8.11 -4.94 16.80
N VAL A 221 -6.81 -4.96 16.63
CA VAL A 221 -6.00 -6.16 16.79
C VAL A 221 -4.93 -5.91 17.84
N GLY A 222 -4.75 -6.84 18.76
CA GLY A 222 -3.70 -6.72 19.76
C GLY A 222 -3.44 -8.07 20.37
N ALA A 223 -2.19 -8.32 20.74
CA ALA A 223 -1.84 -9.47 21.58
C ALA A 223 -1.91 -9.08 23.06
N ASN A 224 -2.11 -10.09 23.91
CA ASN A 224 -2.16 -9.92 25.35
C ASN A 224 -3.31 -9.01 25.79
N PRO A 225 -4.55 -9.46 25.66
CA PRO A 225 -5.67 -8.59 26.03
C PRO A 225 -5.65 -8.22 27.51
N GLU A 226 -6.03 -6.98 27.79
CA GLU A 226 -6.04 -6.43 29.15
C GLU A 226 -7.26 -6.97 29.89
N PRO A 227 -7.06 -7.75 30.95
CA PRO A 227 -8.20 -8.34 31.66
C PRO A 227 -9.21 -7.28 32.09
N GLU A 228 -10.48 -7.62 31.94
CA GLU A 228 -11.57 -6.79 32.41
C GLU A 228 -11.79 -5.50 31.62
N ILE A 229 -10.91 -5.18 30.66
CA ILE A 229 -11.17 -4.10 29.72
C ILE A 229 -11.43 -4.67 28.33
N GLU A 230 -10.52 -5.50 27.84
CA GLU A 230 -10.54 -5.99 26.48
C GLU A 230 -11.09 -7.40 26.48
N ARG A 231 -11.75 -7.75 25.40
CA ARG A 231 -12.45 -9.02 25.24
C ARG A 231 -12.13 -9.51 23.83
N PRO A 232 -11.35 -10.56 23.66
CA PRO A 232 -11.09 -11.05 22.31
C PRO A 232 -12.31 -11.71 21.69
N LEU A 233 -12.42 -11.56 20.37
CA LEU A 233 -13.43 -12.20 19.54
C LEU A 233 -12.85 -13.36 18.75
N PHE A 234 -11.66 -13.19 18.16
CA PHE A 234 -11.00 -14.21 17.38
C PHE A 234 -9.51 -14.10 17.63
N GLU A 235 -8.80 -15.20 17.42
CA GLU A 235 -7.34 -15.22 17.45
C GLU A 235 -6.84 -15.47 16.03
N ILE A 236 -5.85 -14.69 15.60
CA ILE A 236 -5.26 -14.81 14.27
C ILE A 236 -4.06 -15.74 14.40
N VAL A 237 -4.20 -16.99 13.95
CA VAL A 237 -3.21 -18.02 14.23
CA VAL A 237 -3.21 -18.02 14.24
C VAL A 237 -2.12 -18.10 13.17
N ALA A 238 -2.49 -18.16 11.90
CA ALA A 238 -1.53 -18.39 10.82
C ALA A 238 -2.17 -17.91 9.52
N CYS A 239 -1.33 -17.48 8.58
CA CYS A 239 -1.82 -16.90 7.33
C CYS A 239 -0.96 -17.42 6.18
N ARG A 240 -1.54 -17.40 4.99
CA ARG A 240 -0.81 -17.77 3.78
CA ARG A 240 -0.81 -17.77 3.78
C ARG A 240 -1.40 -17.01 2.61
N GLN A 241 -0.53 -16.52 1.72
CA GLN A 241 -0.92 -15.84 0.49
C GLN A 241 -0.36 -16.64 -0.67
N THR A 242 -1.15 -16.81 -1.73
CA THR A 242 -0.68 -17.56 -2.88
C THR A 242 -1.34 -17.05 -4.14
N ILE A 243 -0.65 -17.30 -5.26
CA ILE A 243 -1.17 -16.97 -6.58
C ILE A 243 -1.67 -18.25 -7.24
N LEU A 244 -2.90 -18.25 -7.70
CA LEU A 244 -3.45 -19.44 -8.33
C LEU A 244 -2.86 -19.54 -9.74
N PRO A 245 -2.36 -20.70 -10.15
CA PRO A 245 -1.69 -20.78 -11.47
C PRO A 245 -2.58 -20.37 -12.63
N ASN A 246 -1.97 -19.70 -13.60
CA ASN A 246 -2.56 -19.51 -14.93
C ASN A 246 -3.87 -18.73 -14.90
N SER A 247 -3.95 -17.74 -14.00
CA SER A 247 -5.19 -17.01 -13.79
C SER A 247 -4.98 -15.50 -13.76
N GLU A 248 -3.91 -15.00 -14.40
N GLU A 248 -3.92 -15.01 -14.42
CA GLU A 248 -3.59 -13.58 -14.33
CA GLU A 248 -3.59 -13.59 -14.35
C GLU A 248 -4.72 -12.72 -14.88
C GLU A 248 -4.69 -12.72 -14.91
N HIS A 249 -5.48 -13.25 -15.86
CA HIS A 249 -6.60 -12.52 -16.43
C HIS A 249 -7.85 -12.57 -15.57
N GLY A 250 -7.81 -13.21 -14.40
CA GLY A 250 -9.04 -13.42 -13.65
C GLY A 250 -9.70 -12.12 -13.22
N VAL A 251 -8.95 -11.25 -12.56
CA VAL A 251 -9.43 -9.96 -12.09
C VAL A 251 -8.35 -8.94 -12.36
N VAL A 252 -8.67 -7.92 -13.14
CA VAL A 252 -7.74 -6.87 -13.54
C VAL A 252 -8.45 -5.54 -13.32
N ALA A 253 -7.72 -4.56 -12.80
CA ALA A 253 -8.29 -3.22 -12.67
C ALA A 253 -7.17 -2.24 -12.97
N ASN A 254 -7.46 -1.26 -13.81
CA ASN A 254 -6.49 -0.27 -14.23
C ASN A 254 -6.99 1.11 -13.83
N ILE A 255 -6.05 1.93 -13.38
CA ILE A 255 -6.32 3.29 -12.93
C ILE A 255 -6.07 4.21 -14.13
N ARG A 256 -7.16 4.76 -14.69
CA ARG A 256 -7.14 5.42 -15.99
C ARG A 256 -7.84 6.77 -15.91
N GLU A 257 -7.73 7.52 -17.00
CA GLU A 257 -8.44 8.79 -17.12
C GLU A 257 -9.95 8.62 -17.01
N MET A 258 -10.47 7.46 -17.40
CA MET A 258 -11.90 7.17 -17.34
C MET A 258 -12.36 6.67 -15.98
N GLY A 259 -11.49 6.63 -14.98
CA GLY A 259 -11.79 6.02 -13.70
C GLY A 259 -11.04 4.72 -13.52
N PHE A 260 -11.47 3.94 -12.52
CA PHE A 260 -10.86 2.64 -12.27
C PHE A 260 -11.63 1.61 -13.10
N ASN A 261 -11.04 1.18 -14.20
CA ASN A 261 -11.65 0.24 -15.12
C ASN A 261 -11.30 -1.16 -14.64
N TYR A 262 -12.17 -2.13 -14.94
CA TYR A 262 -11.96 -3.48 -14.42
C TYR A 262 -12.44 -4.50 -15.42
N TYR A 263 -11.84 -5.68 -15.33
CA TYR A 263 -12.19 -6.84 -16.13
C TYR A 263 -12.28 -8.04 -15.20
N LEU A 264 -13.27 -8.89 -15.45
CA LEU A 264 -13.56 -10.05 -14.62
C LEU A 264 -13.77 -11.23 -15.55
N SER A 265 -12.91 -12.24 -15.44
CA SER A 265 -13.09 -13.45 -16.23
C SER A 265 -14.24 -14.29 -15.70
N GLY A 266 -15.05 -14.83 -16.62
CA GLY A 266 -16.08 -15.78 -16.24
C GLY A 266 -15.55 -17.04 -15.61
N ASP A 267 -14.25 -17.29 -15.71
CA ASP A 267 -13.62 -18.49 -15.16
C ASP A 267 -13.15 -18.33 -13.72
N VAL A 268 -13.31 -17.16 -13.11
CA VAL A 268 -12.84 -16.99 -11.73
C VAL A 268 -13.43 -18.03 -10.79
N PRO A 269 -14.73 -18.30 -10.79
CA PRO A 269 -15.24 -19.33 -9.87
C PRO A 269 -14.60 -20.69 -10.08
N LYS A 270 -14.36 -21.08 -11.34
CA LYS A 270 -13.71 -22.37 -11.63
C LYS A 270 -12.27 -22.40 -11.12
N PHE A 271 -11.56 -21.27 -11.21
CA PHE A 271 -10.20 -21.24 -10.66
C PHE A 271 -10.22 -21.39 -9.15
N VAL A 272 -11.18 -20.76 -8.48
CA VAL A 272 -11.25 -20.86 -7.03
C VAL A 272 -11.59 -22.29 -6.63
N GLY A 273 -12.62 -22.86 -7.29
CA GLY A 273 -13.00 -24.24 -6.99
C GLY A 273 -11.90 -25.22 -7.29
N GLY A 274 -11.15 -24.99 -8.37
CA GLY A 274 -10.07 -25.89 -8.74
C GLY A 274 -8.87 -25.85 -7.81
N ASN A 275 -8.75 -24.79 -6.99
CA ASN A 275 -7.61 -24.63 -6.11
C ASN A 275 -7.92 -24.66 -4.62
N VAL A 276 -9.19 -24.66 -4.22
CA VAL A 276 -9.54 -24.42 -2.83
C VAL A 276 -9.06 -25.56 -1.92
N VAL A 277 -9.18 -26.82 -2.36
CA VAL A 277 -8.68 -27.88 -1.49
C VAL A 277 -7.18 -27.68 -1.25
N ASP A 278 -6.44 -27.38 -2.32
CA ASP A 278 -5.00 -27.16 -2.20
C ASP A 278 -4.68 -25.99 -1.29
N PHE A 279 -5.28 -24.81 -1.54
CA PHE A 279 -4.89 -23.66 -0.72
C PHE A 279 -5.35 -23.82 0.74
N MET A 280 -6.46 -24.53 0.97
CA MET A 280 -6.84 -24.82 2.35
C MET A 280 -5.84 -25.77 3.00
N THR A 281 -5.43 -26.81 2.26
CA THR A 281 -4.51 -27.79 2.82
C THR A 281 -3.17 -27.14 3.15
N LYS A 282 -2.65 -26.33 2.23
CA LYS A 282 -1.35 -25.71 2.48
C LYS A 282 -1.42 -24.69 3.61
N THR A 283 -2.58 -24.04 3.80
CA THR A 283 -2.73 -23.12 4.91
C THR A 283 -2.68 -23.88 6.23
N PHE A 284 -3.46 -24.95 6.34
CA PHE A 284 -3.49 -25.70 7.59
C PHE A 284 -2.23 -26.53 7.83
N GLU A 285 -1.37 -26.70 6.83
CA GLU A 285 -0.05 -27.26 7.08
C GLU A 285 0.75 -26.40 8.05
N LYS A 286 0.43 -25.12 8.14
CA LYS A 286 1.12 -24.22 9.06
C LYS A 286 0.62 -24.37 10.49
N VAL A 287 -0.44 -25.15 10.69
CA VAL A 287 -1.09 -25.29 11.98
C VAL A 287 -0.99 -26.73 12.45
N ASP A 288 -1.81 -27.63 11.89
CA ASP A 288 -1.87 -29.01 12.36
C ASP A 288 -1.88 -30.03 11.23
N GLY A 289 -1.78 -29.62 9.98
CA GLY A 289 -1.83 -30.54 8.87
C GLY A 289 -3.21 -31.03 8.49
N LYS A 290 -4.27 -30.30 8.86
CA LYS A 290 -5.60 -30.71 8.45
C LYS A 290 -5.68 -30.78 6.93
N LYS A 291 -6.32 -31.84 6.43
CA LYS A 291 -6.42 -32.07 4.99
C LYS A 291 -7.78 -32.59 4.53
N LYS A 292 -8.75 -32.71 5.41
CA LYS A 292 -10.10 -33.11 5.04
C LYS A 292 -11.03 -32.68 6.16
N ASP A 293 -12.31 -33.05 6.03
CA ASP A 293 -13.33 -32.78 7.06
C ASP A 293 -13.43 -31.28 7.34
N TRP A 294 -13.58 -30.52 6.26
CA TRP A 294 -13.62 -29.07 6.33
C TRP A 294 -14.86 -28.54 7.03
N ASN A 295 -15.90 -29.36 7.22
CA ASN A 295 -17.07 -28.92 7.96
C ASN A 295 -16.80 -28.69 9.42
N SER A 296 -15.64 -29.09 9.93
CA SER A 296 -15.33 -28.85 11.32
C SER A 296 -15.00 -27.38 11.60
N LEU A 297 -14.81 -26.58 10.57
CA LEU A 297 -14.39 -25.18 10.68
C LEU A 297 -15.58 -24.24 10.53
N PHE A 298 -15.40 -23.01 11.01
CA PHE A 298 -16.23 -21.89 10.60
C PHE A 298 -15.51 -21.10 9.50
N PHE A 299 -16.30 -20.38 8.70
CA PHE A 299 -15.77 -19.74 7.51
C PHE A 299 -16.23 -18.30 7.31
N SER A 300 -15.30 -17.45 6.91
CA SER A 300 -15.62 -16.16 6.33
C SER A 300 -15.01 -16.14 4.94
N VAL A 301 -15.84 -16.26 3.90
CA VAL A 301 -15.37 -16.37 2.53
C VAL A 301 -15.72 -15.09 1.80
N HIS A 302 -14.72 -14.46 1.18
CA HIS A 302 -15.00 -13.26 0.43
C HIS A 302 -16.02 -13.59 -0.68
N PRO A 303 -17.20 -13.01 -0.67
CA PRO A 303 -18.24 -13.40 -1.65
C PRO A 303 -18.12 -12.57 -2.92
N GLY A 304 -17.05 -12.82 -3.67
CA GLY A 304 -16.79 -12.02 -4.85
C GLY A 304 -17.96 -12.07 -5.81
N GLY A 305 -18.59 -13.23 -5.90
CA GLY A 305 -19.91 -13.38 -6.46
C GLY A 305 -20.48 -14.67 -5.94
N PRO A 306 -21.75 -14.91 -6.24
CA PRO A 306 -22.41 -16.12 -5.71
C PRO A 306 -21.77 -17.41 -6.16
N ALA A 307 -21.22 -17.44 -7.37
CA ALA A 307 -20.61 -18.68 -7.87
C ALA A 307 -19.33 -19.02 -7.13
N ILE A 308 -18.60 -18.02 -6.64
CA ILE A 308 -17.42 -18.30 -5.84
C ILE A 308 -17.82 -19.00 -4.55
N VAL A 309 -18.86 -18.49 -3.89
CA VAL A 309 -19.33 -19.10 -2.66
C VAL A 309 -19.75 -20.54 -2.92
N ASP A 310 -20.50 -20.76 -4.01
CA ASP A 310 -20.97 -22.10 -4.35
C ASP A 310 -19.79 -23.05 -4.64
N GLN A 311 -18.74 -22.55 -5.28
CA GLN A 311 -17.59 -23.41 -5.58
C GLN A 311 -16.85 -23.82 -4.30
N VAL A 312 -16.67 -22.89 -3.36
CA VAL A 312 -16.02 -23.25 -2.11
C VAL A 312 -16.84 -24.32 -1.38
N GLU A 313 -18.15 -24.11 -1.30
CA GLU A 313 -19.03 -25.07 -0.64
C GLU A 313 -18.94 -26.44 -1.30
N GLU A 314 -18.99 -26.47 -2.62
CA GLU A 314 -18.98 -27.76 -3.33
C GLU A 314 -17.64 -28.49 -3.17
N LYS A 315 -16.54 -27.80 -3.44
CA LYS A 315 -15.27 -28.51 -3.49
C LYS A 315 -14.72 -28.86 -2.11
N LEU A 316 -15.13 -28.15 -1.07
CA LEU A 316 -14.78 -28.54 0.29
C LEU A 316 -15.81 -29.46 0.92
N GLY A 317 -16.87 -29.79 0.19
CA GLY A 317 -17.90 -30.68 0.71
C GLY A 317 -18.63 -30.12 1.91
N LEU A 318 -18.87 -28.82 1.91
CA LEU A 318 -19.50 -28.19 3.06
C LEU A 318 -20.98 -28.49 3.08
N LYS A 319 -21.49 -28.71 4.28
CA LYS A 319 -22.90 -29.03 4.47
C LYS A 319 -23.77 -27.79 4.31
N GLU A 320 -25.06 -28.04 4.09
CA GLU A 320 -26.03 -26.97 3.99
C GLU A 320 -25.94 -26.06 5.22
N GLY A 321 -25.89 -24.76 4.96
CA GLY A 321 -25.84 -23.79 6.03
C GLY A 321 -24.46 -23.43 6.53
N LYS A 322 -23.43 -24.19 6.17
CA LYS A 322 -22.09 -23.86 6.67
C LYS A 322 -21.71 -22.42 6.32
N LEU A 323 -22.06 -21.95 5.12
CA LEU A 323 -21.71 -20.61 4.66
C LEU A 323 -22.84 -19.59 4.83
N ARG A 324 -23.73 -19.82 5.79
CA ARG A 324 -24.84 -18.92 6.02
C ARG A 324 -24.40 -17.47 6.27
N ALA A 325 -23.39 -17.25 7.12
CA ALA A 325 -23.01 -15.88 7.43
C ALA A 325 -22.47 -15.17 6.19
N THR A 326 -21.65 -15.87 5.40
CA THR A 326 -21.15 -15.34 4.14
C THR A 326 -22.29 -14.96 3.20
N ARG A 327 -23.25 -15.87 3.03
CA ARG A 327 -24.38 -15.60 2.14
C ARG A 327 -25.27 -14.49 2.67
N HIS A 328 -25.40 -14.38 3.98
CA HIS A 328 -26.21 -13.32 4.56
C HIS A 328 -25.64 -11.97 4.21
N VAL A 329 -24.32 -11.81 4.35
CA VAL A 329 -23.71 -10.52 4.05
C VAL A 329 -23.80 -10.22 2.57
N LEU A 330 -23.54 -11.21 1.71
CA LEU A 330 -23.71 -10.97 0.28
C LEU A 330 -25.13 -10.50 -0.02
N SER A 331 -26.12 -11.12 0.62
CA SER A 331 -27.51 -10.76 0.38
C SER A 331 -27.83 -9.34 0.84
N GLU A 332 -27.40 -8.97 2.04
CA GLU A 332 -27.80 -7.72 2.66
C GLU A 332 -26.91 -6.54 2.32
N TYR A 333 -25.71 -6.78 1.78
CA TYR A 333 -24.74 -5.71 1.53
C TYR A 333 -24.06 -5.79 0.18
N GLY A 334 -24.08 -6.93 -0.51
CA GLY A 334 -23.31 -7.10 -1.72
C GLY A 334 -21.83 -7.31 -1.44
N ASN A 335 -21.05 -7.24 -2.51
CA ASN A 335 -19.59 -7.38 -2.48
C ASN A 335 -18.99 -5.99 -2.29
N MET A 336 -18.60 -5.67 -1.06
CA MET A 336 -17.98 -4.40 -0.71
C MET A 336 -16.47 -4.44 -0.77
N GLY A 337 -15.89 -5.44 -1.40
CA GLY A 337 -14.44 -5.55 -1.48
C GLY A 337 -13.85 -6.05 -0.17
N ALA A 338 -12.65 -5.56 0.12
CA ALA A 338 -11.90 -6.03 1.30
C ALA A 338 -12.67 -6.03 2.60
N PRO A 339 -13.53 -5.06 2.94
CA PRO A 339 -14.22 -5.14 4.23
C PRO A 339 -15.17 -6.30 4.37
N THR A 340 -15.56 -6.95 3.28
CA THR A 340 -16.70 -7.85 3.34
C THR A 340 -16.44 -9.00 4.32
N VAL A 341 -15.24 -9.58 4.30
CA VAL A 341 -14.98 -10.68 5.21
C VAL A 341 -15.08 -10.25 6.67
N HIS A 342 -14.84 -8.97 6.97
CA HIS A 342 -15.00 -8.50 8.34
C HIS A 342 -16.46 -8.34 8.71
N PHE A 343 -17.29 -7.86 7.77
CA PHE A 343 -18.73 -7.90 7.99
C PHE A 343 -19.18 -9.32 8.29
N ILE A 344 -18.63 -10.30 7.60
CA ILE A 344 -19.04 -11.69 7.80
C ILE A 344 -18.64 -12.18 9.18
N LEU A 345 -17.43 -11.86 9.65
CA LEU A 345 -17.06 -12.22 11.01
C LEU A 345 -17.96 -11.54 12.02
N ASP A 346 -18.34 -10.29 11.79
CA ASP A 346 -19.23 -9.59 12.69
C ASP A 346 -20.60 -10.24 12.72
N GLU A 347 -21.14 -10.57 11.53
CA GLU A 347 -22.41 -11.28 11.45
C GLU A 347 -22.34 -12.62 12.16
N MET A 348 -21.26 -13.37 11.96
CA MET A 348 -21.11 -14.65 12.63
C MET A 348 -21.10 -14.48 14.14
N ARG A 349 -20.37 -13.49 14.66
CA ARG A 349 -20.37 -13.23 16.09
C ARG A 349 -21.77 -12.88 16.57
N ASN A 350 -22.50 -12.07 15.80
N ASN A 350 -22.49 -12.05 15.80
CA ASN A 350 -23.81 -11.64 16.25
CA ASN A 350 -23.83 -11.61 16.20
C ASN A 350 -24.81 -12.80 16.23
C ASN A 350 -24.79 -12.79 16.24
N LYS A 351 -24.78 -13.62 15.19
CA LYS A 351 -25.67 -14.77 15.14
C LYS A 351 -25.33 -15.77 16.23
N SER A 352 -24.04 -15.91 16.56
CA SER A 352 -23.64 -16.82 17.61
C SER A 352 -24.19 -16.36 18.94
N ILE A 353 -24.18 -15.05 19.20
CA ILE A 353 -24.85 -14.53 20.38
C ILE A 353 -26.34 -14.87 20.36
N GLU A 354 -27.00 -14.58 19.23
CA GLU A 354 -28.44 -14.82 19.12
C GLU A 354 -28.78 -16.28 19.45
N GLU A 355 -27.98 -17.20 18.95
CA GLU A 355 -28.23 -18.63 19.08
C GLU A 355 -27.70 -19.20 20.39
N GLY A 356 -27.04 -18.43 21.23
CA GLY A 356 -26.51 -18.96 22.46
C GLY A 356 -25.39 -19.94 22.24
N LYS A 357 -24.58 -19.74 21.20
CA LYS A 357 -23.42 -20.59 20.95
C LYS A 357 -22.34 -20.34 21.99
N THR A 358 -21.46 -21.34 22.15
CA THR A 358 -20.40 -21.24 23.13
C THR A 358 -19.24 -20.38 22.66
N THR A 359 -19.11 -20.14 21.34
CA THR A 359 -18.02 -19.34 20.80
C THR A 359 -18.56 -18.43 19.73
N THR A 360 -17.73 -17.41 19.39
CA THR A 360 -18.04 -16.45 18.35
C THR A 360 -18.00 -17.06 16.97
N GLY A 361 -17.43 -18.25 16.81
CA GLY A 361 -17.38 -18.94 15.53
C GLY A 361 -18.42 -20.03 15.42
N GLU A 362 -19.67 -19.70 15.70
CA GLU A 362 -20.78 -20.65 15.54
C GLU A 362 -20.60 -21.84 16.48
N GLY A 363 -19.95 -21.62 17.63
CA GLY A 363 -19.64 -22.66 18.59
C GLY A 363 -18.42 -23.48 18.27
N LEU A 364 -17.81 -23.31 17.12
CA LEU A 364 -16.67 -24.12 16.71
C LEU A 364 -15.40 -23.43 17.15
N GLU A 365 -14.32 -24.20 17.22
CA GLU A 365 -13.04 -23.69 17.69
C GLU A 365 -12.19 -23.04 16.61
N TRP A 366 -12.11 -23.64 15.43
CA TRP A 366 -11.19 -23.23 14.39
C TRP A 366 -11.98 -22.76 13.17
N GLY A 367 -11.41 -21.79 12.46
CA GLY A 367 -12.05 -21.29 11.26
C GLY A 367 -11.04 -20.65 10.32
N VAL A 368 -11.55 -20.10 9.23
CA VAL A 368 -10.68 -19.49 8.23
CA VAL A 368 -10.69 -19.49 8.22
C VAL A 368 -11.39 -18.31 7.59
N VAL A 369 -10.58 -17.30 7.24
CA VAL A 369 -10.98 -16.20 6.39
C VAL A 369 -10.30 -16.41 5.04
N ILE A 370 -11.06 -16.32 3.96
CA ILE A 370 -10.56 -16.53 2.60
C ILE A 370 -10.80 -15.24 1.82
N GLY A 371 -9.71 -14.55 1.48
CA GLY A 371 -9.78 -13.38 0.60
C GLY A 371 -9.31 -13.78 -0.79
N ILE A 372 -9.98 -13.26 -1.81
CA ILE A 372 -9.73 -13.62 -3.21
C ILE A 372 -9.74 -12.36 -4.06
N GLY A 373 -8.68 -12.14 -4.82
CA GLY A 373 -8.59 -10.95 -5.65
C GLY A 373 -7.59 -11.09 -6.78
N PRO A 374 -7.12 -9.96 -7.30
CA PRO A 374 -6.27 -10.00 -8.51
C PRO A 374 -5.05 -10.89 -8.36
N GLY A 375 -4.75 -11.61 -9.43
CA GLY A 375 -3.60 -12.51 -9.49
C GLY A 375 -3.80 -13.75 -10.33
N LEU A 376 -4.80 -14.56 -10.02
CA LEU A 376 -5.65 -14.48 -8.85
C LEU A 376 -4.82 -14.74 -7.61
N THR A 377 -5.01 -13.91 -6.59
CA THR A 377 -4.34 -14.05 -5.31
C THR A 377 -5.37 -14.47 -4.28
N VAL A 378 -5.04 -15.47 -3.49
CA VAL A 378 -5.85 -15.87 -2.34
C VAL A 378 -5.01 -15.70 -1.09
N GLU A 379 -5.53 -14.99 -0.10
CA GLU A 379 -4.91 -14.94 1.23
C GLU A 379 -5.88 -15.59 2.21
N THR A 380 -5.39 -16.52 2.98
CA THR A 380 -6.15 -17.17 4.02
C THR A 380 -5.58 -16.78 5.37
N ALA A 381 -6.47 -16.67 6.36
CA ALA A 381 -6.07 -16.46 7.74
C ALA A 381 -6.81 -17.51 8.56
N VAL A 382 -6.08 -18.37 9.22
CA VAL A 382 -6.68 -19.33 10.15
C VAL A 382 -6.95 -18.61 11.46
N LEU A 383 -8.17 -18.76 11.96
CA LEU A 383 -8.60 -18.16 13.20
C LEU A 383 -8.98 -19.22 14.21
N ARG A 384 -8.88 -18.85 15.48
CA ARG A 384 -9.63 -19.52 16.52
C ARG A 384 -10.70 -18.57 17.02
N SER A 385 -11.83 -19.14 17.40
CA SER A 385 -12.90 -18.38 18.01
C SER A 385 -12.56 -18.10 19.47
N GLU A 386 -13.44 -17.37 20.12
CA GLU A 386 -13.35 -17.07 21.54
C GLU A 386 -14.70 -17.28 22.20
N SER A 387 -14.66 -17.50 23.51
CA SER A 387 -15.89 -17.67 24.32
C SER A 387 -16.70 -16.38 24.29
N ILE A 388 -18.02 -16.53 24.30
CA ILE A 388 -18.93 -15.35 24.27
C ILE A 388 -18.99 -14.66 25.66
N ARG A 389 -18.52 -13.39 25.75
CA ARG A 389 -18.41 -12.62 27.02
C ARG A 389 -18.46 -11.10 26.73
N CYS A 390 -19.18 -10.30 27.52
CA CYS A 390 -19.17 -8.82 27.45
C CYS A 390 -19.29 -8.19 26.04
N GLN B 12 17.82 -10.89 18.75
CA GLN B 12 17.93 -11.29 17.35
C GLN B 12 17.15 -10.34 16.45
N HIS B 13 17.66 -9.14 16.27
CA HIS B 13 16.93 -8.21 15.44
C HIS B 13 17.11 -8.55 13.97
N ALA B 14 16.17 -8.06 13.19
CA ALA B 14 16.28 -8.08 11.74
C ALA B 14 17.52 -7.35 11.27
N LYS B 15 18.18 -7.94 10.27
CA LYS B 15 19.40 -7.40 9.69
C LYS B 15 19.18 -7.19 8.20
N ILE B 16 19.79 -6.12 7.68
CA ILE B 16 19.98 -5.95 6.24
C ILE B 16 21.14 -6.84 5.83
N LEU B 17 20.89 -7.74 4.88
CA LEU B 17 21.85 -8.74 4.46
C LEU B 17 22.45 -8.42 3.09
N ALA B 18 21.88 -7.47 2.36
CA ALA B 18 22.34 -7.15 1.02
C ALA B 18 21.62 -5.88 0.57
N ILE B 19 22.28 -5.10 -0.28
CA ILE B 19 21.68 -3.92 -0.91
C ILE B 19 22.12 -3.91 -2.37
N GLY B 20 21.18 -3.77 -3.29
CA GLY B 20 21.48 -3.55 -4.70
C GLY B 20 20.73 -2.33 -5.20
N THR B 21 21.27 -1.72 -6.27
CA THR B 21 20.63 -0.53 -6.82
C THR B 21 20.71 -0.53 -8.34
N ALA B 22 19.88 0.28 -8.95
CA ALA B 22 19.79 0.35 -10.41
C ALA B 22 19.23 1.72 -10.81
N ASN B 23 19.56 2.16 -12.02
CA ASN B 23 18.98 3.38 -12.56
C ASN B 23 18.78 3.21 -14.05
N PRO B 24 17.89 3.98 -14.65
CA PRO B 24 17.77 3.98 -16.11
C PRO B 24 19.08 4.40 -16.76
N PRO B 25 19.27 4.05 -18.03
CA PRO B 25 20.57 4.27 -18.67
C PRO B 25 20.87 5.69 -19.09
N ASN B 26 19.89 6.56 -19.23
N ASN B 26 19.85 6.54 -19.25
CA ASN B 26 20.13 7.86 -19.83
CA ASN B 26 20.04 7.89 -19.79
C ASN B 26 20.45 8.89 -18.76
C ASN B 26 20.48 8.86 -18.71
N VAL B 27 21.64 9.48 -18.88
CA VAL B 27 22.17 10.41 -17.88
CA VAL B 27 22.19 10.41 -17.89
C VAL B 27 21.88 11.83 -18.35
N TYR B 28 21.39 12.64 -17.43
CA TYR B 28 21.09 14.04 -17.68
C TYR B 28 21.97 14.86 -16.73
N HIS B 29 23.03 15.46 -17.26
CA HIS B 29 23.87 16.36 -16.48
C HIS B 29 23.12 17.66 -16.20
N GLN B 30 23.16 18.11 -14.96
CA GLN B 30 22.37 19.26 -14.56
C GLN B 30 22.77 20.51 -15.36
N LYS B 31 24.05 20.62 -15.72
CA LYS B 31 24.50 21.77 -16.50
C LYS B 31 23.71 21.90 -17.79
N ASP B 32 23.26 20.76 -18.36
CA ASP B 32 22.56 20.73 -19.63
C ASP B 32 21.05 20.68 -19.49
N TYR B 33 20.52 20.51 -18.28
CA TYR B 33 19.10 20.20 -18.16
C TYR B 33 18.20 21.39 -18.50
N PRO B 34 18.52 22.59 -18.04
CA PRO B 34 17.66 23.75 -18.44
C PRO B 34 17.52 23.87 -19.94
N ASP B 35 18.61 23.73 -20.68
CA ASP B 35 18.58 23.81 -22.16
C ASP B 35 17.67 22.70 -22.67
N PHE B 36 17.85 21.47 -22.18
CA PHE B 36 17.04 20.35 -22.62
C PHE B 36 15.57 20.60 -22.33
N LEU B 37 15.25 20.92 -21.09
CA LEU B 37 13.85 21.06 -20.67
C LEU B 37 13.14 22.12 -21.49
N PHE B 38 13.74 23.30 -21.61
CA PHE B 38 13.07 24.39 -22.31
C PHE B 38 13.00 24.14 -23.80
N ARG B 39 13.96 23.41 -24.37
CA ARG B 39 13.89 23.09 -25.79
C ARG B 39 12.80 22.06 -26.08
N VAL B 40 12.80 20.93 -25.37
CA VAL B 40 11.88 19.84 -25.73
C VAL B 40 10.44 20.17 -25.39
N THR B 41 10.19 21.06 -24.43
CA THR B 41 8.83 21.46 -24.07
C THR B 41 8.38 22.75 -24.77
N LYS B 42 9.23 23.31 -25.64
CA LYS B 42 8.84 24.43 -26.50
C LYS B 42 8.58 25.69 -25.68
N ASN B 43 9.43 25.95 -24.70
CA ASN B 43 9.28 27.07 -23.78
C ASN B 43 10.46 28.03 -23.83
N GLU B 44 11.22 28.05 -24.85
CA GLU B 44 12.44 28.88 -24.96
C GLU B 44 12.08 30.37 -24.92
N HIS B 45 10.85 30.71 -25.25
CA HIS B 45 10.37 32.11 -25.21
C HIS B 45 10.13 32.54 -23.77
N ARG B 46 10.03 31.61 -22.81
CA ARG B 46 9.72 31.95 -21.42
C ARG B 46 11.01 32.28 -20.66
N THR B 47 11.59 33.42 -21.04
CA THR B 47 12.84 33.85 -20.42
C THR B 47 12.69 34.04 -18.92
N ASP B 48 11.49 34.44 -18.46
CA ASP B 48 11.27 34.60 -17.03
C ASP B 48 11.40 33.26 -16.31
N LEU B 49 10.73 32.26 -16.83
CA LEU B 49 10.74 30.91 -16.22
C LEU B 49 12.16 30.34 -16.34
N ARG B 50 12.89 30.63 -17.41
CA ARG B 50 14.22 30.08 -17.60
C ARG B 50 15.19 30.61 -16.55
N GLU B 51 15.13 31.88 -16.22
CA GLU B 51 16.01 32.45 -15.19
C GLU B 51 15.69 31.80 -13.84
N LYS B 52 14.40 31.66 -13.50
CA LYS B 52 14.05 31.02 -12.23
C LYS B 52 14.60 29.59 -12.19
N PHE B 53 14.46 28.85 -13.30
CA PHE B 53 14.91 27.47 -13.31
C PHE B 53 16.43 27.38 -13.22
N ASP B 54 17.13 28.28 -13.91
CA ASP B 54 18.59 28.33 -13.78
C ASP B 54 19.00 28.51 -12.32
N ARG B 55 18.35 29.40 -11.61
CA ARG B 55 18.72 29.67 -10.21
C ARG B 55 18.48 28.42 -9.36
N ILE B 56 17.34 27.74 -9.57
CA ILE B 56 17.03 26.54 -8.80
C ILE B 56 18.07 25.45 -9.07
N CYS B 57 18.40 25.24 -10.35
CA CYS B 57 19.39 24.23 -10.70
C CYS B 57 20.75 24.55 -10.08
N GLU B 58 21.13 25.84 -10.07
CA GLU B 58 22.42 26.21 -9.49
C GLU B 58 22.48 25.88 -8.01
N LYS B 59 21.36 25.94 -7.31
CA LYS B 59 21.30 25.68 -5.87
C LYS B 59 20.98 24.23 -5.55
N SER B 60 20.74 23.40 -6.57
CA SER B 60 20.19 22.05 -6.36
C SER B 60 21.18 21.08 -5.73
N ARG B 61 22.48 21.33 -5.85
CA ARG B 61 23.51 20.42 -5.38
C ARG B 61 23.37 19.03 -6.02
N THR B 62 22.77 19.01 -7.21
CA THR B 62 22.59 17.79 -8.00
C THR B 62 23.38 17.99 -9.28
N LYS B 63 24.37 17.13 -9.50
CA LYS B 63 25.21 17.22 -10.68
C LYS B 63 24.66 16.46 -11.86
N LYS B 64 23.98 15.33 -11.63
CA LYS B 64 23.40 14.55 -12.72
C LYS B 64 22.32 13.66 -12.15
N ARG B 65 21.47 13.18 -13.05
CA ARG B 65 20.34 12.32 -12.73
C ARG B 65 20.18 11.32 -13.87
N TYR B 66 19.63 10.15 -13.54
CA TYR B 66 19.26 9.16 -14.52
C TYR B 66 17.75 9.18 -14.70
N LEU B 67 17.29 9.18 -15.94
CA LEU B 67 15.86 9.28 -16.23
C LEU B 67 15.48 8.31 -17.34
N HIS B 68 14.36 7.63 -17.15
CA HIS B 68 13.81 6.79 -18.19
C HIS B 68 13.30 7.64 -19.35
N LEU B 69 12.67 8.76 -19.02
CA LEU B 69 12.07 9.68 -20.02
C LEU B 69 13.12 10.14 -21.03
N THR B 70 12.75 10.12 -22.31
CA THR B 70 13.62 10.61 -23.38
C THR B 70 12.87 11.66 -24.20
N GLU B 71 13.63 12.40 -25.00
CA GLU B 71 13.02 13.37 -25.90
C GLU B 71 12.07 12.68 -26.89
N GLU B 72 12.44 11.50 -27.38
CA GLU B 72 11.57 10.82 -28.33
C GLU B 72 10.22 10.48 -27.71
N MET B 73 10.19 10.14 -26.41
CA MET B 73 8.92 9.88 -25.74
CA MET B 73 8.92 9.87 -25.74
C MET B 73 8.06 11.13 -25.65
N LEU B 74 8.69 12.28 -25.40
CA LEU B 74 7.97 13.53 -25.33
C LEU B 74 7.44 13.92 -26.71
N LYS B 75 8.22 13.66 -27.76
CA LYS B 75 7.76 13.97 -29.11
C LYS B 75 6.58 13.10 -29.50
N ALA B 76 6.60 11.82 -29.10
CA ALA B 76 5.50 10.92 -29.39
C ALA B 76 4.28 11.18 -28.52
N ASN B 77 4.46 11.82 -27.36
CA ASN B 77 3.37 12.09 -26.41
C ASN B 77 3.48 13.50 -25.89
N PRO B 78 3.22 14.50 -26.73
CA PRO B 78 3.38 15.89 -26.29
C PRO B 78 2.41 16.31 -25.20
N ASN B 79 1.33 15.55 -24.97
CA ASN B 79 0.47 15.84 -23.82
CA ASN B 79 0.47 15.85 -23.82
C ASN B 79 1.26 15.77 -22.51
N ILE B 80 2.36 15.03 -22.46
CA ILE B 80 3.12 14.92 -21.22
C ILE B 80 3.71 16.26 -20.81
N TYR B 81 4.10 17.10 -21.78
CA TYR B 81 4.65 18.41 -21.48
C TYR B 81 3.67 19.56 -21.68
N THR B 82 2.43 19.26 -22.06
CA THR B 82 1.39 20.26 -22.19
C THR B 82 0.65 20.34 -20.86
N TYR B 83 0.89 21.40 -20.10
CA TYR B 83 0.44 21.46 -18.72
C TYR B 83 -1.06 21.24 -18.62
N GLY B 84 -1.45 20.24 -17.84
CA GLY B 84 -2.85 19.99 -17.56
C GLY B 84 -3.55 19.12 -18.57
N ALA B 85 -2.91 18.76 -19.67
CA ALA B 85 -3.57 17.96 -20.69
C ALA B 85 -3.74 16.53 -20.17
N PRO B 86 -4.77 15.82 -20.62
CA PRO B 86 -4.92 14.42 -20.20
C PRO B 86 -3.77 13.58 -20.70
N SER B 87 -3.13 12.87 -19.76
CA SER B 87 -1.93 12.12 -20.09
C SER B 87 -1.68 10.97 -19.12
N LEU B 88 -2.59 10.75 -18.15
CA LEU B 88 -2.31 9.69 -17.18
C LEU B 88 -2.16 8.34 -17.88
N ASP B 89 -2.98 8.07 -18.90
CA ASP B 89 -2.99 6.74 -19.49
C ASP B 89 -1.65 6.40 -20.13
N VAL B 90 -1.08 7.35 -20.88
CA VAL B 90 0.22 7.08 -21.51
C VAL B 90 1.32 6.95 -20.45
N ARG B 91 1.27 7.78 -19.39
CA ARG B 91 2.26 7.68 -18.33
C ARG B 91 2.19 6.31 -17.64
N GLN B 92 0.97 5.86 -17.32
CA GLN B 92 0.79 4.58 -16.66
C GLN B 92 1.23 3.43 -17.57
N ASP B 93 0.95 3.54 -18.86
CA ASP B 93 1.35 2.48 -19.77
C ASP B 93 2.86 2.30 -19.76
N ILE B 94 3.61 3.39 -19.57
CA ILE B 94 5.06 3.32 -19.44
C ILE B 94 5.46 2.83 -18.06
N CYS B 95 5.00 3.51 -17.01
CA CYS B 95 5.49 3.21 -15.67
C CYS B 95 5.08 1.86 -15.13
N ASN B 96 3.88 1.39 -15.45
CA ASN B 96 3.47 0.08 -14.95
C ASN B 96 4.37 -1.04 -15.47
N ILE B 97 5.07 -0.83 -16.59
CA ILE B 97 6.07 -1.78 -17.11
C ILE B 97 7.45 -1.46 -16.58
N GLU B 98 7.85 -0.19 -16.62
CA GLU B 98 9.24 0.17 -16.34
C GLU B 98 9.57 0.10 -14.86
N VAL B 99 8.61 0.33 -13.96
CA VAL B 99 8.89 0.30 -12.53
C VAL B 99 9.28 -1.13 -12.11
N PRO B 100 8.50 -2.16 -12.44
CA PRO B 100 8.93 -3.51 -12.07
C PRO B 100 10.24 -3.93 -12.73
N LYS B 101 10.47 -3.52 -13.98
CA LYS B 101 11.70 -3.90 -14.65
CA LYS B 101 11.71 -3.89 -14.65
C LYS B 101 12.93 -3.29 -13.97
N LEU B 102 12.85 -2.02 -13.59
CA LEU B 102 13.98 -1.42 -12.89
C LEU B 102 14.14 -2.05 -11.52
N GLY B 103 13.03 -2.34 -10.83
CA GLY B 103 13.12 -3.05 -9.57
C GLY B 103 13.76 -4.42 -9.71
N GLN B 104 13.45 -5.14 -10.79
CA GLN B 104 14.07 -6.43 -11.06
C GLN B 104 15.59 -6.32 -11.13
N GLU B 105 16.10 -5.29 -11.80
CA GLU B 105 17.55 -5.13 -11.90
C GLU B 105 18.19 -4.97 -10.53
N ALA B 106 17.61 -4.09 -9.70
CA ALA B 106 18.14 -3.88 -8.35
C ALA B 106 18.02 -5.16 -7.54
N ALA B 107 16.89 -5.85 -7.66
CA ALA B 107 16.68 -7.07 -6.88
C ALA B 107 17.70 -8.14 -7.22
N LEU B 108 18.00 -8.35 -8.51
CA LEU B 108 18.99 -9.35 -8.87
C LEU B 108 20.36 -9.02 -8.27
N LYS B 109 20.71 -7.74 -8.20
CA LYS B 109 21.97 -7.36 -7.55
C LYS B 109 21.95 -7.65 -6.07
N ALA B 110 20.85 -7.33 -5.39
CA ALA B 110 20.76 -7.67 -3.99
C ALA B 110 20.84 -9.17 -3.77
N ILE B 111 20.12 -9.93 -4.57
CA ILE B 111 20.08 -11.37 -4.41
C ILE B 111 21.46 -11.97 -4.66
N LYS B 112 22.22 -11.41 -5.61
CA LYS B 112 23.58 -11.90 -5.83
C LYS B 112 24.43 -11.69 -4.59
N GLU B 113 24.40 -10.49 -4.02
CA GLU B 113 25.19 -10.21 -2.82
C GLU B 113 24.81 -11.17 -1.71
N TRP B 114 23.51 -11.35 -1.52
CA TRP B 114 23.01 -12.20 -0.46
C TRP B 114 23.52 -13.64 -0.62
N GLY B 115 23.47 -14.17 -1.82
CA GLY B 115 24.11 -15.43 -2.11
C GLY B 115 23.27 -16.67 -1.91
N GLN B 116 22.00 -16.51 -1.59
CA GLN B 116 21.05 -17.58 -1.38
C GLN B 116 20.14 -17.72 -2.58
N PRO B 117 19.47 -18.86 -2.73
CA PRO B 117 18.55 -19.03 -3.86
C PRO B 117 17.32 -18.16 -3.72
N ILE B 118 16.80 -17.74 -4.86
CA ILE B 118 15.56 -16.96 -4.92
C ILE B 118 14.43 -17.69 -4.20
N SER B 119 14.43 -19.02 -4.23
CA SER B 119 13.40 -19.81 -3.58
C SER B 119 13.40 -19.66 -2.07
N ARG B 120 14.45 -19.10 -1.48
CA ARG B 120 14.51 -18.87 -0.05
C ARG B 120 13.79 -17.60 0.39
N ILE B 121 13.42 -16.74 -0.55
CA ILE B 121 12.67 -15.54 -0.20
C ILE B 121 11.25 -15.93 0.16
N THR B 122 10.80 -15.48 1.32
CA THR B 122 9.47 -15.79 1.84
C THR B 122 8.50 -14.62 1.77
N HIS B 123 9.02 -13.39 1.73
CA HIS B 123 8.23 -12.17 1.79
C HIS B 123 8.76 -11.18 0.76
N LEU B 124 7.86 -10.41 0.17
CA LEU B 124 8.21 -9.35 -0.77
C LEU B 124 7.48 -8.08 -0.35
N ILE B 125 8.23 -6.99 -0.20
CA ILE B 125 7.65 -5.66 -0.07
C ILE B 125 8.08 -4.92 -1.32
N PHE B 126 7.13 -4.39 -2.10
CA PHE B 126 7.39 -3.54 -3.25
C PHE B 126 6.81 -2.17 -2.94
N CYS B 127 7.57 -1.11 -3.19
CA CYS B 127 7.15 0.25 -2.92
C CYS B 127 7.40 1.12 -4.14
N THR B 128 6.38 1.86 -4.56
CA THR B 128 6.54 2.86 -5.62
C THR B 128 5.47 3.92 -5.47
N ALA B 129 5.84 5.14 -5.81
CA ALA B 129 4.92 6.27 -5.94
C ALA B 129 4.75 6.70 -7.39
N SER B 130 5.19 5.86 -8.34
CA SER B 130 5.26 6.26 -9.73
C SER B 130 4.18 5.63 -10.59
N CYS B 131 3.36 4.74 -10.07
CA CYS B 131 2.35 4.04 -10.85
C CYS B 131 1.43 3.32 -9.89
N VAL B 132 0.38 2.72 -10.43
CA VAL B 132 -0.57 1.92 -9.64
C VAL B 132 -1.38 1.07 -10.61
N ASP B 133 -1.57 -0.20 -10.26
CA ASP B 133 -2.26 -1.15 -11.13
C ASP B 133 -2.69 -2.34 -10.30
N MET B 134 -3.66 -3.11 -10.80
CA MET B 134 -4.14 -4.33 -10.16
C MET B 134 -4.17 -5.45 -11.20
N PRO B 135 -3.44 -6.56 -11.02
CA PRO B 135 -2.43 -6.84 -9.99
C PRO B 135 -1.34 -5.80 -10.03
N GLY B 136 -0.56 -5.73 -8.95
CA GLY B 136 0.40 -4.66 -8.76
C GLY B 136 1.82 -5.01 -9.19
N CYS B 137 2.72 -4.08 -8.89
CA CYS B 137 4.13 -4.26 -9.22
C CYS B 137 4.73 -5.47 -8.53
N ASP B 138 4.25 -5.78 -7.33
CA ASP B 138 4.72 -6.95 -6.61
C ASP B 138 4.45 -8.23 -7.40
N PHE B 139 3.24 -8.35 -7.94
CA PHE B 139 2.88 -9.49 -8.78
C PHE B 139 3.79 -9.54 -10.02
N GLN B 140 3.98 -8.39 -10.67
CA GLN B 140 4.82 -8.36 -11.86
C GLN B 140 6.25 -8.77 -11.51
N LEU B 141 6.76 -8.35 -10.36
CA LEU B 141 8.12 -8.71 -10.00
C LEU B 141 8.23 -10.20 -9.69
N ILE B 142 7.19 -10.79 -9.08
CA ILE B 142 7.17 -12.22 -8.85
C ILE B 142 7.36 -12.97 -10.16
N LYS B 143 6.64 -12.54 -11.20
CA LYS B 143 6.78 -13.17 -12.51
C LYS B 143 8.19 -12.99 -13.04
N LEU B 144 8.74 -11.77 -12.97
CA LEU B 144 10.04 -11.49 -13.57
C LEU B 144 11.15 -12.28 -12.90
N LEU B 145 11.12 -12.40 -11.58
CA LEU B 145 12.19 -13.05 -10.84
C LEU B 145 11.98 -14.54 -10.68
N GLY B 146 10.76 -15.03 -10.87
CA GLY B 146 10.47 -16.40 -10.53
C GLY B 146 10.39 -16.62 -9.03
N LEU B 147 9.89 -15.64 -8.27
CA LEU B 147 9.68 -15.85 -6.83
C LEU B 147 8.64 -16.93 -6.62
N ASP B 148 8.71 -17.60 -5.48
CA ASP B 148 7.67 -18.55 -5.09
C ASP B 148 6.28 -17.92 -5.18
N PRO B 149 5.31 -18.57 -5.83
CA PRO B 149 3.96 -17.97 -5.93
C PRO B 149 3.29 -17.76 -4.60
N SER B 150 3.80 -18.36 -3.54
N SER B 150 3.80 -18.36 -3.53
CA SER B 150 3.26 -18.18 -2.19
CA SER B 150 3.26 -18.19 -2.19
C SER B 150 4.08 -17.21 -1.36
C SER B 150 4.06 -17.20 -1.36
N VAL B 151 4.90 -16.36 -1.98
CA VAL B 151 5.53 -15.32 -1.19
CA VAL B 151 5.54 -15.32 -1.20
C VAL B 151 4.47 -14.43 -0.56
N THR B 152 4.74 -13.96 0.65
CA THR B 152 3.83 -13.10 1.39
C THR B 152 4.16 -11.65 1.06
N ARG B 153 3.20 -10.95 0.47
CA ARG B 153 3.49 -9.67 -0.17
C ARG B 153 2.87 -8.47 0.54
N THR B 154 3.56 -7.34 0.43
CA THR B 154 3.09 -6.04 0.88
C THR B 154 3.42 -5.06 -0.25
N MET B 155 2.39 -4.43 -0.81
CA MET B 155 2.55 -3.57 -1.98
C MET B 155 2.19 -2.15 -1.52
N ILE B 156 3.19 -1.31 -1.37
CA ILE B 156 3.08 0.06 -0.87
C ILE B 156 3.06 1.01 -2.06
N TYR B 157 1.89 1.51 -2.37
CA TYR B 157 1.70 2.44 -3.47
C TYR B 157 1.51 3.86 -2.95
N GLU B 158 2.19 4.81 -3.58
CA GLU B 158 1.96 6.24 -3.36
C GLU B 158 2.10 6.66 -1.89
N ALA B 159 3.13 6.15 -1.21
CA ALA B 159 3.47 6.67 0.13
C ALA B 159 4.29 7.94 0.01
N GLY B 160 5.28 7.93 -0.84
CA GLY B 160 6.16 9.09 -0.97
C GLY B 160 7.46 8.93 -0.22
N TYR B 162 9.06 9.30 2.59
CA TYR B 162 9.44 8.72 3.86
C TYR B 162 9.57 7.19 3.76
N ALA B 163 9.15 6.61 2.63
CA ALA B 163 8.92 5.17 2.61
C ALA B 163 10.19 4.35 2.58
N GLY B 164 11.35 4.93 2.25
CA GLY B 164 12.58 4.15 2.33
C GLY B 164 12.91 3.71 3.74
N ALA B 165 12.48 4.50 4.74
CA ALA B 165 12.56 4.08 6.13
C ALA B 165 11.38 3.17 6.50
N THR B 166 10.17 3.48 6.04
CA THR B 166 8.99 2.67 6.35
C THR B 166 9.16 1.23 5.91
N VAL B 167 9.71 1.00 4.72
CA VAL B 167 9.80 -0.39 4.26
C VAL B 167 10.74 -1.19 5.15
N LEU B 168 11.77 -0.53 5.72
CA LEU B 168 12.67 -1.23 6.65
C LEU B 168 11.95 -1.59 7.94
N ARG B 169 11.09 -0.69 8.42
CA ARG B 169 10.26 -0.96 9.59
C ARG B 169 9.34 -2.14 9.33
N MET B 170 8.69 -2.16 8.16
CA MET B 170 7.81 -3.26 7.87
C MET B 170 8.59 -4.57 7.73
N ALA B 171 9.71 -4.51 7.03
CA ALA B 171 10.53 -5.72 6.87
C ALA B 171 11.00 -6.25 8.21
N LYS B 172 11.35 -5.36 9.13
CA LYS B 172 11.77 -5.77 10.46
C LYS B 172 10.69 -6.61 11.14
N ASP B 173 9.46 -6.11 11.16
CA ASP B 173 8.40 -6.86 11.82
C ASP B 173 8.14 -8.20 11.15
N PHE B 174 8.16 -8.23 9.82
CA PHE B 174 7.90 -9.49 9.13
C PHE B 174 9.02 -10.48 9.39
N ALA B 175 10.27 -10.01 9.37
CA ALA B 175 11.41 -10.89 9.58
C ALA B 175 11.49 -11.39 11.00
N GLU B 176 11.17 -10.54 11.98
CA GLU B 176 11.32 -10.92 13.37
C GLU B 176 10.17 -11.77 13.85
N ASN B 177 9.00 -11.67 13.23
CA ASN B 177 7.84 -12.40 13.72
C ASN B 177 7.63 -13.73 13.01
N ASN B 178 8.43 -14.04 11.99
CA ASN B 178 8.28 -15.25 11.19
C ASN B 178 9.63 -15.94 11.14
N LYS B 179 9.78 -17.02 11.90
CA LYS B 179 11.08 -17.70 12.01
C LYS B 179 11.58 -18.12 10.64
N GLY B 180 12.80 -17.75 10.34
CA GLY B 180 13.39 -18.08 9.06
C GLY B 180 13.01 -17.19 7.90
N ALA B 181 12.15 -16.21 8.10
CA ALA B 181 11.69 -15.42 6.97
C ALA B 181 12.84 -14.64 6.37
N ARG B 182 12.78 -14.48 5.05
CA ARG B 182 13.74 -13.66 4.31
C ARG B 182 12.94 -12.73 3.41
N VAL B 183 13.07 -11.44 3.65
CA VAL B 183 12.23 -10.42 3.02
C VAL B 183 13.03 -9.73 1.92
N LEU B 184 12.51 -9.75 0.71
CA LEU B 184 13.05 -8.93 -0.36
C LEU B 184 12.22 -7.63 -0.38
N VAL B 185 12.90 -6.50 -0.28
CA VAL B 185 12.30 -5.18 -0.29
C VAL B 185 12.78 -4.47 -1.54
N VAL B 186 11.86 -3.99 -2.38
CA VAL B 186 12.21 -3.31 -3.62
C VAL B 186 11.47 -1.98 -3.66
N CYS B 187 12.19 -0.88 -3.81
CA CYS B 187 11.63 0.45 -4.01
C CYS B 187 12.09 0.90 -5.38
N ALA B 188 11.17 1.33 -6.23
CA ALA B 188 11.51 1.71 -7.59
C ALA B 188 10.69 2.91 -8.01
N GLU B 189 11.33 3.89 -8.65
CA GLU B 189 10.69 5.11 -9.09
C GLU B 189 11.10 5.45 -10.52
N ILE B 190 10.09 5.80 -11.32
CA ILE B 190 10.23 6.30 -12.69
C ILE B 190 9.38 7.57 -12.75
N THR B 191 10.03 8.72 -12.81
CA THR B 191 9.35 10.00 -12.61
C THR B 191 8.64 10.52 -13.85
N THR B 192 8.59 9.72 -14.91
CA THR B 192 7.77 10.06 -16.08
C THR B 192 6.37 10.47 -15.67
N VAL B 193 5.80 9.85 -14.64
CA VAL B 193 4.42 10.18 -14.23
C VAL B 193 4.31 11.57 -13.60
N PHE B 194 5.42 12.11 -13.09
CA PHE B 194 5.46 13.40 -12.42
C PHE B 194 5.93 14.53 -13.33
N PHE B 195 6.34 14.24 -14.56
CA PHE B 195 6.87 15.29 -15.44
C PHE B 195 5.74 16.20 -15.89
N HIS B 196 5.88 17.50 -15.67
CA HIS B 196 4.90 18.45 -16.16
C HIS B 196 5.58 19.64 -16.83
N GLY B 197 4.84 20.26 -17.74
CA GLY B 197 5.28 21.48 -18.38
C GLY B 197 5.19 22.68 -17.47
N LEU B 198 5.54 23.80 -18.07
CA LEU B 198 5.82 25.00 -17.29
C LEU B 198 4.74 26.05 -17.40
N THR B 199 4.34 26.60 -16.28
CA THR B 199 3.35 27.66 -16.25
C THR B 199 3.65 28.54 -15.05
N ASP B 200 3.46 29.84 -15.17
CA ASP B 200 3.76 30.79 -14.08
C ASP B 200 2.75 30.65 -12.95
N THR B 201 1.69 29.86 -13.13
CA THR B 201 0.71 29.62 -12.08
C THR B 201 1.05 28.44 -11.19
N HIS B 202 2.11 27.69 -11.51
CA HIS B 202 2.46 26.46 -10.79
C HIS B 202 3.98 26.29 -10.81
N LEU B 203 4.64 27.17 -10.08
CA LEU B 203 6.12 27.24 -10.06
C LEU B 203 6.74 26.07 -9.29
N ASP B 204 5.94 25.30 -8.54
CA ASP B 204 6.47 24.14 -7.82
C ASP B 204 7.10 23.15 -8.78
N ILE B 205 6.57 23.10 -10.02
CA ILE B 205 7.08 22.21 -11.05
C ILE B 205 8.55 22.48 -11.33
N LEU B 206 9.01 23.73 -11.20
CA LEU B 206 10.42 24.03 -11.45
C LEU B 206 11.32 23.32 -10.44
N VAL B 207 10.85 23.16 -9.21
CA VAL B 207 11.63 22.48 -8.19
C VAL B 207 11.71 20.98 -8.50
N GLY B 208 10.57 20.36 -8.78
CA GLY B 208 10.58 18.94 -9.14
C GLY B 208 11.40 18.68 -10.39
N GLN B 209 11.31 19.58 -11.38
CA GLN B 209 12.08 19.43 -12.61
C GLN B 209 13.58 19.47 -12.36
N ALA B 210 14.01 20.16 -11.32
CA ALA B 210 15.43 20.26 -10.99
C ALA B 210 15.93 19.09 -10.16
N LEU B 211 15.07 18.48 -9.35
CA LEU B 211 15.53 17.55 -8.33
C LEU B 211 15.12 16.10 -8.54
N PHE B 212 13.94 15.83 -9.09
CA PHE B 212 13.42 14.47 -9.07
C PHE B 212 14.13 13.60 -10.11
N ALA B 213 14.33 12.33 -9.77
CA ALA B 213 15.15 11.44 -10.57
C ALA B 213 14.69 10.00 -10.40
N ASP B 214 15.24 9.13 -11.22
CA ASP B 214 14.79 7.75 -11.30
C ASP B 214 15.83 6.79 -10.71
N GLY B 215 15.33 5.72 -10.11
CA GLY B 215 16.22 4.74 -9.50
C GLY B 215 15.42 3.68 -8.79
N ALA B 216 16.09 2.60 -8.46
CA ALA B 216 15.51 1.51 -7.68
C ALA B 216 16.54 0.97 -6.73
N SER B 217 16.07 0.54 -5.56
CA SER B 217 16.87 -0.18 -4.59
C SER B 217 16.22 -1.50 -4.27
N ALA B 218 17.04 -2.41 -3.80
CA ALA B 218 16.56 -3.67 -3.24
C ALA B 218 17.41 -4.02 -2.03
N VAL B 219 16.74 -4.51 -1.00
CA VAL B 219 17.35 -4.88 0.26
CA VAL B 219 17.37 -4.89 0.25
C VAL B 219 16.84 -6.27 0.62
N ILE B 220 17.70 -7.13 1.13
CA ILE B 220 17.26 -8.38 1.74
C ILE B 220 17.34 -8.21 3.24
N VAL B 221 16.26 -8.57 3.96
CA VAL B 221 16.18 -8.46 5.41
C VAL B 221 15.86 -9.83 6.01
N GLY B 222 16.60 -10.18 7.05
CA GLY B 222 16.31 -11.40 7.80
C GLY B 222 16.88 -11.32 9.19
N ALA B 223 16.21 -11.96 10.12
CA ALA B 223 16.76 -12.15 11.46
C ALA B 223 17.54 -13.47 11.53
N ASN B 224 18.50 -13.55 12.44
CA ASN B 224 19.30 -14.76 12.63
C ASN B 224 20.02 -15.19 11.37
N PRO B 225 20.93 -14.37 10.85
CA PRO B 225 21.69 -14.76 9.66
C PRO B 225 22.46 -16.06 9.87
N GLU B 226 22.55 -16.86 8.83
CA GLU B 226 23.27 -18.12 8.94
C GLU B 226 24.78 -17.87 9.01
N PRO B 227 25.46 -18.29 10.08
CA PRO B 227 26.90 -18.00 10.19
C PRO B 227 27.67 -18.60 9.02
N GLU B 228 28.59 -17.80 8.48
CA GLU B 228 29.47 -18.22 7.39
C GLU B 228 28.75 -18.37 6.06
N ILE B 229 27.46 -18.00 5.98
CA ILE B 229 26.72 -18.09 4.73
C ILE B 229 26.10 -16.75 4.38
N GLU B 230 25.42 -16.13 5.34
CA GLU B 230 24.87 -14.79 5.18
C GLU B 230 25.78 -13.85 5.97
N ARG B 231 25.84 -12.59 5.57
CA ARG B 231 26.68 -11.61 6.23
C ARG B 231 25.77 -10.40 6.44
N PRO B 232 25.53 -9.96 7.66
CA PRO B 232 24.77 -8.71 7.83
C PRO B 232 25.60 -7.47 7.54
N LEU B 233 24.91 -6.45 7.06
CA LEU B 233 25.47 -5.12 6.84
C LEU B 233 25.03 -4.11 7.89
N PHE B 234 23.76 -4.17 8.31
CA PHE B 234 23.19 -3.26 9.30
C PHE B 234 22.15 -4.04 10.08
N GLU B 235 21.91 -3.63 11.31
CA GLU B 235 20.83 -4.17 12.12
C GLU B 235 19.74 -3.10 12.25
N ILE B 236 18.48 -3.49 12.07
CA ILE B 236 17.34 -2.57 12.19
C ILE B 236 16.82 -2.69 13.62
N VAL B 237 17.13 -1.71 14.45
CA VAL B 237 16.91 -1.82 15.89
C VAL B 237 15.53 -1.35 16.31
N ALA B 238 15.10 -0.17 15.87
CA ALA B 238 13.84 0.42 16.32
C ALA B 238 13.45 1.49 15.32
N CYS B 239 12.16 1.76 15.20
CA CYS B 239 11.64 2.69 14.21
C CYS B 239 10.55 3.54 14.82
N ARG B 240 10.33 4.71 14.25
CA ARG B 240 9.25 5.59 14.66
C ARG B 240 8.77 6.41 13.48
N GLN B 241 7.47 6.58 13.35
CA GLN B 241 6.85 7.41 12.32
C GLN B 241 6.07 8.52 13.01
N THR B 242 6.15 9.74 12.48
CA THR B 242 5.44 10.84 13.10
C THR B 242 5.04 11.87 12.06
N ILE B 243 3.99 12.61 12.37
CA ILE B 243 3.53 13.72 11.55
C ILE B 243 4.02 15.01 12.19
N LEU B 244 4.68 15.84 11.41
CA LEU B 244 5.16 17.13 11.89
C LEU B 244 3.98 18.10 12.00
N PRO B 245 3.81 18.78 13.12
CA PRO B 245 2.60 19.60 13.28
C PRO B 245 2.49 20.70 12.24
N ASN B 246 1.26 20.93 11.79
CA ASN B 246 0.91 22.14 11.04
C ASN B 246 1.60 22.21 9.69
N SER B 247 1.82 21.07 9.03
CA SER B 247 2.60 21.02 7.81
C SER B 247 1.91 20.24 6.70
N GLU B 248 0.58 20.15 6.71
CA GLU B 248 -0.13 19.30 5.76
C GLU B 248 0.07 19.76 4.31
N HIS B 249 0.35 21.05 4.12
CA HIS B 249 0.62 21.63 2.81
C HIS B 249 2.05 21.44 2.34
N GLY B 250 2.90 20.79 3.13
CA GLY B 250 4.32 20.74 2.79
C GLY B 250 4.58 20.03 1.49
N VAL B 251 4.08 18.80 1.35
CA VAL B 251 4.24 18.01 0.15
C VAL B 251 2.93 17.31 -0.16
N VAL B 252 2.36 17.61 -1.32
CA VAL B 252 1.05 17.09 -1.73
C VAL B 252 1.22 16.54 -3.14
N ALA B 253 0.63 15.38 -3.41
CA ALA B 253 0.62 14.87 -4.77
C ALA B 253 -0.73 14.22 -5.02
N ASN B 254 -1.35 14.56 -6.14
CA ASN B 254 -2.68 14.09 -6.49
C ASN B 254 -2.61 13.30 -7.79
N ILE B 255 -3.34 12.19 -7.84
CA ILE B 255 -3.36 11.29 -8.97
C ILE B 255 -4.53 11.71 -9.86
N ARG B 256 -4.22 12.30 -11.01
CA ARG B 256 -5.19 13.03 -11.81
C ARG B 256 -5.09 12.64 -13.27
N GLU B 257 -6.06 13.14 -14.05
CA GLU B 257 -6.08 12.88 -15.49
C GLU B 257 -4.83 13.40 -16.18
N MET B 258 -4.20 14.42 -15.62
CA MET B 258 -2.99 15.03 -16.15
C MET B 258 -1.70 14.36 -15.69
N GLY B 259 -1.80 13.25 -14.96
CA GLY B 259 -0.65 12.62 -14.35
C GLY B 259 -0.64 12.82 -12.86
N PHE B 260 0.52 12.59 -12.25
CA PHE B 260 0.64 12.78 -10.81
C PHE B 260 1.11 14.21 -10.60
N ASN B 261 0.21 15.08 -10.20
CA ASN B 261 0.49 16.48 -9.97
C ASN B 261 0.99 16.65 -8.55
N TYR B 262 1.78 17.69 -8.30
CA TYR B 262 2.38 17.84 -6.98
C TYR B 262 2.58 19.31 -6.64
N TYR B 263 2.62 19.58 -5.35
CA TYR B 263 2.86 20.89 -4.78
C TYR B 263 3.88 20.72 -3.65
N LEU B 264 4.80 21.68 -3.55
CA LEU B 264 5.90 21.65 -2.59
C LEU B 264 5.95 23.02 -1.94
N SER B 265 5.84 23.05 -0.61
CA SER B 265 5.96 24.30 0.12
C SER B 265 7.44 24.66 0.32
N GLY B 266 7.74 25.95 0.13
CA GLY B 266 9.08 26.43 0.43
C GLY B 266 9.48 26.31 1.89
N ASP B 267 8.52 26.05 2.77
CA ASP B 267 8.77 25.91 4.19
C ASP B 267 9.16 24.49 4.60
N VAL B 268 9.18 23.52 3.70
CA VAL B 268 9.51 22.16 4.11
C VAL B 268 10.84 22.10 4.85
N PRO B 269 11.92 22.70 4.37
CA PRO B 269 13.19 22.61 5.13
C PRO B 269 13.06 23.12 6.55
N LYS B 270 12.41 24.25 6.75
CA LYS B 270 12.25 24.83 8.10
C LYS B 270 11.44 23.90 8.98
N PHE B 271 10.41 23.23 8.44
CA PHE B 271 9.65 22.26 9.23
C PHE B 271 10.54 21.10 9.65
N VAL B 272 11.36 20.59 8.75
CA VAL B 272 12.26 19.49 9.13
C VAL B 272 13.22 19.98 10.22
N GLY B 273 13.84 21.14 9.99
CA GLY B 273 14.77 21.66 11.00
C GLY B 273 14.10 21.91 12.33
N GLY B 274 12.86 22.37 12.32
CA GLY B 274 12.19 22.67 13.55
C GLY B 274 11.76 21.44 14.33
N ASN B 275 11.81 20.26 13.72
CA ASN B 275 11.38 19.04 14.37
C ASN B 275 12.46 17.99 14.54
N VAL B 276 13.64 18.18 13.96
CA VAL B 276 14.62 17.11 13.91
C VAL B 276 15.13 16.73 15.31
N VAL B 277 15.39 17.70 16.18
CA VAL B 277 15.86 17.32 17.53
C VAL B 277 14.79 16.46 18.20
N ASP B 278 13.54 16.88 18.11
CA ASP B 278 12.46 16.11 18.73
C ASP B 278 12.33 14.71 18.14
N PHE B 279 12.25 14.60 16.82
CA PHE B 279 12.03 13.26 16.28
C PHE B 279 13.24 12.37 16.50
N MET B 280 14.45 12.93 16.49
CA MET B 280 15.62 12.13 16.81
C MET B 280 15.61 11.68 18.26
N THR B 281 15.28 12.60 19.15
CA THR B 281 15.27 12.29 20.59
C THR B 281 14.24 11.21 20.88
N LYS B 282 13.02 11.35 20.34
CA LYS B 282 11.96 10.40 20.62
C LYS B 282 12.27 9.04 19.99
N THR B 283 12.96 9.01 18.86
CA THR B 283 13.34 7.73 18.23
C THR B 283 14.34 7.00 19.13
N PHE B 284 15.38 7.69 19.55
CA PHE B 284 16.45 7.02 20.34
C PHE B 284 15.95 6.70 21.75
N GLU B 285 14.88 7.31 22.22
CA GLU B 285 14.27 6.95 23.52
C GLU B 285 13.73 5.51 23.44
N LYS B 286 13.45 5.03 22.23
CA LYS B 286 12.98 3.63 22.08
CA LYS B 286 12.98 3.63 22.08
C LYS B 286 14.11 2.60 22.28
N VAL B 287 15.34 3.09 22.27
CA VAL B 287 16.48 2.14 22.39
CA VAL B 287 16.49 2.13 22.38
C VAL B 287 17.20 2.26 23.76
N ASP B 288 17.55 3.48 24.14
CA ASP B 288 18.32 3.67 25.41
C ASP B 288 17.83 4.95 26.12
N GLY B 289 17.80 4.94 27.44
CA GLY B 289 17.36 6.12 28.22
C GLY B 289 18.42 7.20 28.32
N LYS B 290 19.64 6.96 27.88
CA LYS B 290 20.68 8.03 27.90
C LYS B 290 20.60 8.98 26.72
N LYS B 291 20.95 10.23 26.95
CA LYS B 291 21.03 11.23 25.89
C LYS B 291 22.05 10.80 24.85
N LYS B 292 21.74 11.07 23.58
CA LYS B 292 22.61 10.74 22.48
C LYS B 292 23.44 11.96 22.08
N ASP B 293 24.70 11.71 21.73
CA ASP B 293 25.50 12.72 21.02
C ASP B 293 25.28 12.49 19.52
N TRP B 294 24.66 13.47 18.85
CA TRP B 294 24.27 13.25 17.45
C TRP B 294 25.49 13.00 16.55
N ASN B 295 26.67 13.54 16.89
CA ASN B 295 27.87 13.32 16.09
C ASN B 295 28.45 11.93 16.25
N SER B 296 27.96 11.15 17.22
CA SER B 296 28.39 9.77 17.37
C SER B 296 27.69 8.83 16.40
N LEU B 297 26.72 9.31 15.63
CA LEU B 297 25.92 8.48 14.75
C LEU B 297 26.40 8.59 13.31
N PHE B 298 26.10 7.56 12.52
CA PHE B 298 26.10 7.66 11.08
C PHE B 298 24.68 7.91 10.58
N PHE B 299 24.56 8.51 9.39
CA PHE B 299 23.29 9.03 8.93
C PHE B 299 23.02 8.68 7.47
N SER B 300 21.79 8.26 7.19
CA SER B 300 21.25 8.25 5.85
C SER B 300 20.00 9.12 5.89
N VAL B 301 20.09 10.32 5.32
CA VAL B 301 19.02 11.31 5.34
C VAL B 301 18.41 11.40 3.95
N HIS B 302 17.09 11.28 3.86
CA HIS B 302 16.45 11.44 2.58
C HIS B 302 16.72 12.85 2.06
N PRO B 303 17.41 13.01 0.92
CA PRO B 303 17.79 14.37 0.46
C PRO B 303 16.70 14.95 -0.44
N GLY B 304 15.56 15.28 0.17
CA GLY B 304 14.44 15.76 -0.62
C GLY B 304 14.83 16.97 -1.41
N GLY B 305 15.68 17.80 -0.83
CA GLY B 305 16.41 18.83 -1.52
C GLY B 305 17.61 19.17 -0.67
N PRO B 306 18.51 19.99 -1.21
CA PRO B 306 19.73 20.32 -0.46
C PRO B 306 19.45 21.03 0.87
N ALA B 307 18.41 21.86 0.91
CA ALA B 307 18.13 22.57 2.15
C ALA B 307 17.67 21.67 3.28
N ILE B 308 17.00 20.55 2.96
CA ILE B 308 16.64 19.59 4.01
C ILE B 308 17.89 19.04 4.65
N VAL B 309 18.88 18.69 3.84
CA VAL B 309 20.12 18.15 4.38
C VAL B 309 20.80 19.18 5.26
N ASP B 310 20.83 20.44 4.81
CA ASP B 310 21.46 21.48 5.59
C ASP B 310 20.77 21.68 6.94
N GLN B 311 19.43 21.53 6.95
CA GLN B 311 18.65 21.75 8.18
C GLN B 311 18.96 20.67 9.21
N VAL B 312 19.07 19.41 8.77
CA VAL B 312 19.44 18.34 9.69
C VAL B 312 20.83 18.59 10.25
N GLU B 313 21.78 18.92 9.39
CA GLU B 313 23.13 19.24 9.81
C GLU B 313 23.13 20.36 10.85
N GLU B 314 22.40 21.44 10.57
CA GLU B 314 22.46 22.59 11.46
C GLU B 314 21.83 22.30 12.82
N LYS B 315 20.60 21.78 12.82
CA LYS B 315 19.90 21.67 14.11
C LYS B 315 20.42 20.54 14.99
N LEU B 316 21.06 19.53 14.41
CA LEU B 316 21.72 18.49 15.19
C LEU B 316 23.18 18.83 15.50
N GLY B 317 23.68 19.97 15.03
CA GLY B 317 25.05 20.36 15.29
C GLY B 317 26.07 19.41 14.71
N LEU B 318 25.79 18.86 13.53
CA LEU B 318 26.68 17.86 12.95
C LEU B 318 27.95 18.53 12.42
N LYS B 319 29.07 17.84 12.61
CA LYS B 319 30.37 18.31 12.17
C LYS B 319 30.47 18.23 10.65
N GLU B 320 31.43 18.99 10.12
CA GLU B 320 31.70 18.97 8.68
C GLU B 320 31.98 17.54 8.21
N GLY B 321 31.34 17.17 7.10
CA GLY B 321 31.53 15.88 6.51
C GLY B 321 30.65 14.78 7.05
N LYS B 322 29.90 15.03 8.14
CA LYS B 322 29.08 13.96 8.69
C LYS B 322 28.07 13.44 7.67
N LEU B 323 27.51 14.32 6.85
CA LEU B 323 26.49 13.95 5.85
C LEU B 323 27.07 13.74 4.46
N ARG B 324 28.36 13.44 4.36
CA ARG B 324 28.99 13.26 3.05
C ARG B 324 28.29 12.23 2.18
N ALA B 325 27.92 11.08 2.73
CA ALA B 325 27.32 10.03 1.91
C ALA B 325 25.98 10.49 1.33
N THR B 326 25.16 11.13 2.17
CA THR B 326 23.90 11.71 1.74
C THR B 326 24.12 12.71 0.60
N ARG B 327 25.06 13.63 0.79
CA ARG B 327 25.30 14.65 -0.22
C ARG B 327 25.88 14.05 -1.50
N HIS B 328 26.67 12.99 -1.39
CA HIS B 328 27.23 12.36 -2.56
C HIS B 328 26.13 11.76 -3.42
N VAL B 329 25.17 11.08 -2.79
CA VAL B 329 24.07 10.49 -3.54
C VAL B 329 23.22 11.57 -4.18
N LEU B 330 22.88 12.62 -3.43
CA LEU B 330 22.12 13.70 -4.04
C LEU B 330 22.86 14.26 -5.26
N SER B 331 24.17 14.45 -5.15
CA SER B 331 24.94 15.00 -6.25
C SER B 331 24.95 14.08 -7.47
N GLU B 332 25.13 12.78 -7.25
CA GLU B 332 25.33 11.86 -8.37
C GLU B 332 24.05 11.26 -8.92
N TYR B 333 22.95 11.34 -8.19
CA TYR B 333 21.71 10.68 -8.57
C TYR B 333 20.47 11.55 -8.44
N GLY B 334 20.52 12.64 -7.70
CA GLY B 334 19.31 13.39 -7.44
C GLY B 334 18.43 12.74 -6.39
N ASN B 335 17.22 13.28 -6.27
CA ASN B 335 16.22 12.80 -5.34
C ASN B 335 15.38 11.77 -6.08
N MET B 336 15.64 10.49 -5.78
CA MET B 336 14.95 9.38 -6.43
C MET B 336 13.77 8.88 -5.61
N GLY B 337 13.35 9.62 -4.60
CA GLY B 337 12.24 9.19 -3.78
C GLY B 337 12.69 8.15 -2.77
N ALA B 338 11.77 7.26 -2.41
CA ALA B 338 12.03 6.24 -1.39
C ALA B 338 13.33 5.47 -1.52
N PRO B 339 13.82 5.07 -2.70
CA PRO B 339 15.06 4.32 -2.74
C PRO B 339 16.27 5.09 -2.27
N THR B 340 16.21 6.42 -2.20
CA THR B 340 17.44 7.20 -2.06
C THR B 340 18.20 6.87 -0.78
N VAL B 341 17.49 6.68 0.34
CA VAL B 341 18.18 6.37 1.58
C VAL B 341 18.92 5.04 1.50
N HIS B 342 18.46 4.12 0.67
CA HIS B 342 19.15 2.84 0.49
C HIS B 342 20.40 3.01 -0.37
N PHE B 343 20.34 3.86 -1.40
CA PHE B 343 21.55 4.24 -2.12
C PHE B 343 22.57 4.84 -1.16
N ILE B 344 22.11 5.65 -0.20
CA ILE B 344 23.04 6.28 0.73
C ILE B 344 23.68 5.24 1.65
N LEU B 345 22.90 4.27 2.15
CA LEU B 345 23.51 3.20 2.95
C LEU B 345 24.52 2.40 2.15
N ASP B 346 24.21 2.11 0.88
CA ASP B 346 25.15 1.39 0.03
C ASP B 346 26.43 2.20 -0.17
N GLU B 347 26.29 3.49 -0.44
CA GLU B 347 27.44 4.38 -0.60
C GLU B 347 28.27 4.39 0.67
N MET B 348 27.63 4.51 1.82
CA MET B 348 28.35 4.49 3.08
C MET B 348 29.13 3.21 3.27
N ARG B 349 28.50 2.07 3.00
CA ARG B 349 29.20 0.81 3.10
C ARG B 349 30.38 0.76 2.14
N ASN B 350 30.19 1.23 0.91
CA ASN B 350 31.27 1.17 -0.05
CA ASN B 350 31.26 1.18 -0.07
C ASN B 350 32.43 2.08 0.33
N LYS B 351 32.13 3.29 0.78
CA LYS B 351 33.19 4.21 1.20
C LYS B 351 33.89 3.70 2.44
N SER B 352 33.16 3.02 3.31
CA SER B 352 33.77 2.46 4.51
C SER B 352 34.78 1.36 4.13
N ILE B 353 34.46 0.57 3.11
CA ILE B 353 35.43 -0.39 2.58
C ILE B 353 36.64 0.33 2.03
N GLU B 354 36.41 1.37 1.23
CA GLU B 354 37.51 2.11 0.59
C GLU B 354 38.45 2.68 1.63
N GLU B 355 37.91 3.23 2.71
CA GLU B 355 38.68 3.90 3.74
C GLU B 355 39.23 2.94 4.78
N GLY B 356 38.93 1.66 4.69
CA GLY B 356 39.40 0.74 5.70
C GLY B 356 38.76 0.93 7.06
N LYS B 357 37.52 1.41 7.10
CA LYS B 357 36.83 1.59 8.38
C LYS B 357 36.51 0.23 8.99
N THR B 358 36.28 0.24 10.30
CA THR B 358 36.03 -1.01 11.01
C THR B 358 34.57 -1.47 10.92
N THR B 359 33.65 -0.59 10.50
CA THR B 359 32.25 -0.97 10.37
C THR B 359 31.69 -0.37 9.09
N THR B 360 30.54 -0.92 8.68
CA THR B 360 29.81 -0.42 7.52
C THR B 360 29.24 0.97 7.72
N GLY B 361 29.21 1.46 8.96
CA GLY B 361 28.68 2.77 9.28
C GLY B 361 29.77 3.76 9.58
N GLU B 362 30.75 3.86 8.69
CA GLU B 362 31.80 4.86 8.81
C GLU B 362 32.64 4.62 10.05
N GLY B 363 32.73 3.39 10.53
CA GLY B 363 33.48 3.08 11.73
C GLY B 363 32.73 3.29 13.02
N LEU B 364 31.48 3.77 12.97
CA LEU B 364 30.66 4.01 14.15
C LEU B 364 29.69 2.85 14.36
N GLU B 365 29.14 2.78 15.57
CA GLU B 365 28.24 1.69 15.96
CA GLU B 365 28.24 1.69 15.96
C GLU B 365 26.78 1.96 15.63
N TRP B 366 26.28 3.15 15.97
CA TRP B 366 24.87 3.48 15.86
C TRP B 366 24.62 4.49 14.77
N GLY B 367 23.45 4.39 14.12
CA GLY B 367 23.10 5.31 13.05
C GLY B 367 21.60 5.41 12.89
N VAL B 368 21.20 6.21 11.90
CA VAL B 368 19.78 6.44 11.65
C VAL B 368 19.52 6.62 10.17
N VAL B 369 18.35 6.16 9.73
CA VAL B 369 17.79 6.48 8.43
C VAL B 369 16.63 7.43 8.69
N ILE B 370 16.58 8.55 7.97
CA ILE B 370 15.52 9.54 8.12
C ILE B 370 14.79 9.68 6.79
N GLY B 371 13.55 9.19 6.73
CA GLY B 371 12.71 9.40 5.56
C GLY B 371 11.74 10.54 5.82
N ILE B 372 11.47 11.34 4.79
CA ILE B 372 10.69 12.56 4.92
C ILE B 372 9.76 12.66 3.72
N GLY B 373 8.46 12.80 3.94
CA GLY B 373 7.50 12.86 2.86
C GLY B 373 6.19 13.52 3.25
N PRO B 374 5.14 13.25 2.47
CA PRO B 374 3.84 13.92 2.70
C PRO B 374 3.32 13.77 4.11
N GLY B 375 2.77 14.86 4.64
CA GLY B 375 2.15 14.90 5.95
C GLY B 375 2.30 16.22 6.68
N LEU B 376 3.52 16.73 6.84
CA LEU B 376 4.77 16.03 6.59
C LEU B 376 4.90 14.86 7.55
N THR B 377 5.36 13.75 7.01
CA THR B 377 5.62 12.53 7.76
C THR B 377 7.10 12.27 7.75
N VAL B 378 7.66 11.97 8.93
CA VAL B 378 9.04 11.53 9.07
C VAL B 378 9.02 10.12 9.66
N GLU B 379 9.72 9.21 9.01
CA GLU B 379 9.95 7.90 9.61
C GLU B 379 11.44 7.72 9.80
N THR B 380 11.82 7.33 11.00
CA THR B 380 13.21 7.07 11.33
C THR B 380 13.37 5.58 11.61
N ALA B 381 14.54 5.08 11.28
CA ALA B 381 14.94 3.72 11.62
C ALA B 381 16.32 3.81 12.26
N VAL B 382 16.43 3.40 13.51
CA VAL B 382 17.72 3.29 14.20
C VAL B 382 18.41 2.04 13.71
N LEU B 383 19.66 2.19 13.31
CA LEU B 383 20.49 1.09 12.83
C LEU B 383 21.70 0.92 13.73
N ARG B 384 22.22 -0.30 13.74
CA ARG B 384 23.61 -0.55 14.11
C ARG B 384 24.36 -1.02 12.88
N SER B 385 25.61 -0.65 12.81
CA SER B 385 26.52 -1.12 11.78
C SER B 385 26.94 -2.56 12.07
N GLU B 386 27.71 -3.13 11.15
CA GLU B 386 28.27 -4.45 11.31
C GLU B 386 29.73 -4.39 10.87
N SER B 387 30.48 -5.37 11.33
CA SER B 387 31.90 -5.44 11.00
CA SER B 387 31.90 -5.44 11.00
C SER B 387 32.04 -5.74 9.52
N ILE B 388 33.06 -5.16 8.90
CA ILE B 388 33.30 -5.35 7.48
C ILE B 388 33.97 -6.73 7.31
N ARG B 389 33.29 -7.63 6.62
CA ARG B 389 33.71 -9.02 6.54
C ARG B 389 32.73 -9.78 5.64
#